data_1JSC
#
_entry.id   1JSC
#
_cell.length_a   95.552
_cell.length_b   109.401
_cell.length_c   178.858
_cell.angle_alpha   90.00
_cell.angle_beta   90.00
_cell.angle_gamma   90.00
#
_symmetry.space_group_name_H-M   'P 21 21 21'
#
loop_
_entity.id
_entity.type
_entity.pdbx_description
1 polymer 'ACETOHYDROXY-ACID SYNTHASE'
2 non-polymer 'POTASSIUM ION'
3 non-polymer 'MAGNESIUM ION'
4 non-polymer 'DIHYDROGENPHOSPHATE ION'
5 non-polymer 'THIAMINE DIPHOSPHATE'
6 non-polymer 'FLAVIN-ADENINE DINUCLEOTIDE'
7 water water
#
_entity_poly.entity_id   1
_entity_poly.type   'polypeptide(L)'
_entity_poly.pdbx_seq_one_letter_code
;APSFNVDPLEQPAEPSKLAKKLRAEPDMDTSFVGLTGGQIFNEMMSRQNVDTVFGYPGGAILPVYDAIHNSDKFNFVLPK
HEQGAGHMAEGYARASGKPGVVLVTSGPGATNVVTPMADAFADGIPMVVFTGQVPTSAIGTDAFQEADVVGISRSCTKWN
VMVKSVEELPLRINEAFEIATSGRPGPVLVDLPKDVTAAILRNPIPTKTTLPSNALNQLTSRAQDEFVMQSINKAADLIN
LAKKPVLYVGAGILNHADGPRLLKELSDRAQIPVTTTLQGLGSFDQEDPKSLDMLGMHGCATANLAVQNADLIIAVGARF
DDRVTGNISKFAPEARRAAAEGRGGIIHFEVSPKNINKVVQTQIAVEGDATTNLGKMMSKIFPVKERSEWFAQINKWKKE
YPYAYMEETPGSKIKPQTVIKKLSKVANDTGRHVIVTTGVGQHQMWAAQHWTWRNPHTFITSGGLGTMGYGLPAAIGAQV
AKPESLVIDIDGDASFNMTLTELSSAVQAGTPVKILILNNEEQGMVTQWQSLFYEHRYSHTHQLNPDFIKLAEAMGLKGL
RVKKQEELDAKLKEFVSTKGPVLLEVEVDKKVPVLPMVAGGSGLDEFINFDPEVERQQTELRHKRTGGKH
;
_entity_poly.pdbx_strand_id   A,B
#
# COMPACT_ATOMS: atom_id res chain seq x y z
N PRO A 26 0.29 -44.65 -10.82
CA PRO A 26 0.12 -43.19 -10.86
C PRO A 26 0.03 -42.68 -12.30
N ASP A 27 -0.94 -41.81 -12.56
CA ASP A 27 -1.15 -41.26 -13.89
C ASP A 27 -0.21 -40.06 -14.09
N MET A 28 0.84 -40.25 -14.89
CA MET A 28 1.82 -39.20 -15.14
C MET A 28 1.64 -38.41 -16.43
N ASP A 29 2.07 -37.15 -16.39
CA ASP A 29 1.97 -36.24 -17.54
C ASP A 29 3.34 -35.64 -17.89
N THR A 30 3.61 -35.54 -19.19
CA THR A 30 4.89 -34.99 -19.62
C THR A 30 4.78 -33.79 -20.55
N SER A 31 3.56 -33.35 -20.82
CA SER A 31 3.35 -32.22 -21.71
C SER A 31 4.09 -30.93 -21.31
N PHE A 32 4.41 -30.78 -20.02
CA PHE A 32 5.13 -29.58 -19.55
C PHE A 32 6.64 -29.81 -19.46
N VAL A 33 7.08 -31.05 -19.61
CA VAL A 33 8.50 -31.36 -19.53
C VAL A 33 9.25 -30.57 -20.60
N GLY A 34 10.30 -29.85 -20.16
CA GLY A 34 11.08 -29.06 -21.09
C GLY A 34 10.77 -27.57 -21.01
N LEU A 35 9.63 -27.21 -20.43
CA LEU A 35 9.24 -25.81 -20.28
C LEU A 35 9.84 -25.17 -19.03
N THR A 36 9.79 -23.85 -18.99
CA THR A 36 10.28 -23.10 -17.82
C THR A 36 9.04 -22.78 -16.99
N GLY A 37 9.26 -22.46 -15.72
CA GLY A 37 8.14 -22.12 -14.85
C GLY A 37 7.29 -21.04 -15.50
N GLY A 38 7.94 -20.07 -16.13
CA GLY A 38 7.23 -18.99 -16.78
C GLY A 38 6.28 -19.44 -17.88
N GLN A 39 6.71 -20.40 -18.68
CA GLN A 39 5.84 -20.88 -19.76
C GLN A 39 4.74 -21.75 -19.17
N ILE A 40 5.07 -22.50 -18.13
CA ILE A 40 4.09 -23.35 -17.47
C ILE A 40 3.02 -22.41 -16.90
N PHE A 41 3.47 -21.34 -16.24
CA PHE A 41 2.54 -20.36 -15.65
C PHE A 41 1.61 -19.87 -16.75
N ASN A 42 2.22 -19.52 -17.87
CA ASN A 42 1.51 -19.04 -19.03
C ASN A 42 0.42 -20.05 -19.43
N GLU A 43 0.83 -21.32 -19.56
CA GLU A 43 -0.08 -22.39 -19.94
C GLU A 43 -1.20 -22.58 -18.90
N MET A 44 -0.86 -22.49 -17.62
CA MET A 44 -1.87 -22.64 -16.58
C MET A 44 -2.91 -21.53 -16.64
N MET A 45 -2.49 -20.30 -16.93
CA MET A 45 -3.46 -19.20 -17.03
C MET A 45 -4.49 -19.52 -18.10
N SER A 46 -4.02 -20.07 -19.22
CA SER A 46 -4.94 -20.42 -20.32
C SER A 46 -5.93 -21.48 -19.86
N ARG A 47 -5.45 -22.49 -19.14
CA ARG A 47 -6.33 -23.54 -18.67
C ARG A 47 -7.35 -22.99 -17.68
N GLN A 48 -7.01 -21.86 -17.06
CA GLN A 48 -7.91 -21.23 -16.08
C GLN A 48 -8.78 -20.18 -16.75
N ASN A 49 -8.71 -20.08 -18.07
CA ASN A 49 -9.50 -19.11 -18.83
C ASN A 49 -9.19 -17.67 -18.47
N VAL A 50 -7.92 -17.40 -18.20
CA VAL A 50 -7.47 -16.06 -17.87
C VAL A 50 -6.94 -15.40 -19.14
N ASP A 51 -7.45 -14.20 -19.44
CA ASP A 51 -6.98 -13.48 -20.62
C ASP A 51 -6.53 -12.07 -20.22
N THR A 52 -6.67 -11.75 -18.94
CA THR A 52 -6.27 -10.45 -18.45
C THR A 52 -5.46 -10.58 -17.18
N VAL A 53 -4.39 -9.81 -17.11
CA VAL A 53 -3.53 -9.84 -15.93
C VAL A 53 -3.09 -8.42 -15.60
N PHE A 54 -3.22 -8.04 -14.34
CA PHE A 54 -2.81 -6.71 -13.89
C PHE A 54 -1.54 -6.87 -13.06
N GLY A 55 -0.53 -6.05 -13.35
CA GLY A 55 0.70 -6.18 -12.61
C GLY A 55 1.76 -5.15 -12.94
N TYR A 56 2.91 -5.29 -12.28
CA TYR A 56 4.03 -4.37 -12.43
C TYR A 56 5.33 -5.20 -12.37
N PRO A 57 6.30 -4.92 -13.26
CA PRO A 57 7.57 -5.66 -13.30
C PRO A 57 8.53 -5.47 -12.14
N GLY A 58 9.42 -6.44 -12.00
CA GLY A 58 10.42 -6.43 -10.95
C GLY A 58 11.35 -7.62 -11.15
N GLY A 59 12.58 -7.52 -10.68
CA GLY A 59 13.55 -8.58 -10.84
C GLY A 59 13.14 -10.00 -10.44
N ALA A 60 12.55 -10.14 -9.27
CA ALA A 60 12.14 -11.45 -8.77
C ALA A 60 11.02 -12.14 -9.56
N ILE A 61 10.16 -11.36 -10.21
CA ILE A 61 9.06 -11.94 -10.96
C ILE A 61 9.33 -11.96 -12.47
N LEU A 62 10.52 -11.50 -12.85
CA LEU A 62 10.91 -11.42 -14.25
C LEU A 62 10.56 -12.65 -15.11
N PRO A 63 10.95 -13.86 -14.66
CA PRO A 63 10.64 -15.08 -15.43
C PRO A 63 9.19 -15.19 -15.83
N VAL A 64 8.28 -14.89 -14.91
CA VAL A 64 6.85 -14.98 -15.20
C VAL A 64 6.37 -13.75 -15.98
N TYR A 65 6.84 -12.58 -15.57
CA TYR A 65 6.47 -11.34 -16.22
C TYR A 65 6.78 -11.40 -17.72
N ASP A 66 8.01 -11.78 -18.08
CA ASP A 66 8.37 -11.85 -19.48
C ASP A 66 7.46 -12.81 -20.24
N ALA A 67 7.16 -13.96 -19.64
CA ALA A 67 6.31 -14.93 -20.29
C ALA A 67 4.92 -14.35 -20.59
N ILE A 68 4.31 -13.72 -19.60
CA ILE A 68 2.97 -13.15 -19.76
C ILE A 68 2.96 -11.91 -20.64
N HIS A 69 3.91 -11.02 -20.38
CA HIS A 69 4.02 -9.78 -21.12
C HIS A 69 4.32 -9.99 -22.61
N ASN A 70 5.04 -11.06 -22.94
CA ASN A 70 5.37 -11.32 -24.34
C ASN A 70 4.34 -12.15 -25.09
N SER A 71 3.35 -12.68 -24.38
CA SER A 71 2.32 -13.49 -25.03
C SER A 71 1.15 -12.62 -25.45
N ASP A 72 0.66 -12.85 -26.66
CA ASP A 72 -0.47 -12.09 -27.15
C ASP A 72 -1.77 -12.76 -26.71
N LYS A 73 -1.63 -13.85 -25.94
CA LYS A 73 -2.78 -14.58 -25.43
C LYS A 73 -3.35 -13.85 -24.22
N PHE A 74 -2.60 -12.91 -23.68
CA PHE A 74 -3.04 -12.15 -22.51
C PHE A 74 -2.92 -10.66 -22.66
N ASN A 75 -3.86 -9.94 -22.07
CA ASN A 75 -3.84 -8.49 -22.07
C ASN A 75 -3.24 -8.06 -20.73
N PHE A 76 -2.00 -7.61 -20.75
CA PHE A 76 -1.33 -7.20 -19.52
C PHE A 76 -1.57 -5.71 -19.27
N VAL A 77 -2.27 -5.40 -18.18
CA VAL A 77 -2.57 -4.02 -17.84
C VAL A 77 -1.59 -3.48 -16.81
N LEU A 78 -0.89 -2.41 -17.16
CA LEU A 78 0.12 -1.80 -16.29
C LEU A 78 -0.35 -0.55 -15.56
N PRO A 79 -0.30 -0.57 -14.22
CA PRO A 79 -0.71 0.59 -13.43
C PRO A 79 0.57 1.40 -13.16
N LYS A 80 0.47 2.44 -12.36
CA LYS A 80 1.67 3.19 -12.03
C LYS A 80 2.15 2.81 -10.64
N HIS A 81 1.30 2.08 -9.92
CA HIS A 81 1.59 1.66 -8.54
C HIS A 81 0.88 0.32 -8.38
N GLU A 82 1.54 -0.65 -7.74
CA GLU A 82 0.93 -1.97 -7.58
C GLU A 82 -0.46 -1.94 -6.94
N GLN A 83 -0.71 -0.99 -6.04
CA GLN A 83 -2.01 -0.91 -5.42
C GLN A 83 -3.04 -0.74 -6.53
N GLY A 84 -2.68 0.04 -7.56
CA GLY A 84 -3.56 0.25 -8.69
C GLY A 84 -3.90 -1.09 -9.32
N ALA A 85 -2.87 -1.92 -9.53
CA ALA A 85 -3.09 -3.23 -10.12
C ALA A 85 -4.12 -4.02 -9.31
N GLY A 86 -3.97 -4.03 -7.99
CA GLY A 86 -4.89 -4.76 -7.13
C GLY A 86 -6.33 -4.27 -7.23
N HIS A 87 -6.54 -2.95 -7.16
CA HIS A 87 -7.89 -2.43 -7.24
C HIS A 87 -8.45 -2.60 -8.64
N MET A 88 -7.59 -2.53 -9.66
CA MET A 88 -8.05 -2.72 -11.04
C MET A 88 -8.56 -4.15 -11.13
N ALA A 89 -7.83 -5.10 -10.53
CA ALA A 89 -8.23 -6.50 -10.56
C ALA A 89 -9.57 -6.70 -9.85
N GLU A 90 -9.82 -5.95 -8.79
CA GLU A 90 -11.09 -6.09 -8.09
C GLU A 90 -12.22 -5.59 -8.98
N GLY A 91 -12.01 -4.45 -9.63
CA GLY A 91 -13.03 -3.92 -10.49
C GLY A 91 -13.31 -4.89 -11.62
N TYR A 92 -12.26 -5.47 -12.15
CA TYR A 92 -12.36 -6.43 -13.23
C TYR A 92 -13.21 -7.63 -12.81
N ALA A 93 -12.94 -8.15 -11.62
CA ALA A 93 -13.65 -9.32 -11.12
C ALA A 93 -15.12 -9.04 -10.87
N ARG A 94 -15.42 -7.94 -10.22
CA ARG A 94 -16.81 -7.62 -9.93
C ARG A 94 -17.66 -7.34 -11.16
N ALA A 95 -17.03 -6.84 -12.22
CA ALA A 95 -17.78 -6.53 -13.44
C ALA A 95 -17.86 -7.72 -14.39
N SER A 96 -16.94 -8.66 -14.25
CA SER A 96 -16.90 -9.81 -15.13
C SER A 96 -17.35 -11.14 -14.54
N GLY A 97 -17.16 -11.32 -13.24
CA GLY A 97 -17.54 -12.58 -12.62
C GLY A 97 -16.36 -13.55 -12.59
N LYS A 98 -15.26 -13.12 -13.21
CA LYS A 98 -14.04 -13.92 -13.28
C LYS A 98 -13.06 -13.46 -12.20
N PRO A 99 -12.10 -14.32 -11.82
CA PRO A 99 -11.15 -13.87 -10.80
C PRO A 99 -10.16 -12.84 -11.34
N GLY A 100 -9.76 -11.90 -10.49
CA GLY A 100 -8.81 -10.89 -10.91
C GLY A 100 -7.40 -11.41 -10.67
N VAL A 101 -6.58 -11.43 -11.71
CA VAL A 101 -5.20 -11.94 -11.57
C VAL A 101 -4.18 -10.81 -11.47
N VAL A 102 -3.40 -10.83 -10.39
CA VAL A 102 -2.40 -9.81 -10.12
C VAL A 102 -0.98 -10.41 -10.11
N LEU A 103 -0.07 -9.72 -10.77
CA LEU A 103 1.31 -10.17 -10.84
C LEU A 103 2.25 -9.05 -10.43
N VAL A 104 2.98 -9.25 -9.33
CA VAL A 104 3.90 -8.23 -8.83
C VAL A 104 5.22 -8.84 -8.38
N THR A 105 6.22 -7.99 -8.18
CA THR A 105 7.53 -8.46 -7.76
C THR A 105 7.61 -8.61 -6.24
N SER A 106 8.78 -8.94 -5.73
CA SER A 106 9.02 -9.13 -4.30
C SER A 106 9.13 -7.84 -3.50
N GLY A 107 9.23 -7.98 -2.17
CA GLY A 107 9.36 -6.83 -1.30
C GLY A 107 8.28 -5.77 -1.44
N PRO A 108 8.64 -4.56 -1.88
CA PRO A 108 7.69 -3.45 -2.05
C PRO A 108 6.57 -3.76 -3.02
N GLY A 109 6.83 -4.63 -3.99
CA GLY A 109 5.80 -4.99 -4.95
C GLY A 109 4.69 -5.75 -4.25
N ALA A 110 5.08 -6.67 -3.38
CA ALA A 110 4.13 -7.46 -2.63
C ALA A 110 3.46 -6.63 -1.53
N THR A 111 4.22 -5.81 -0.80
CA THR A 111 3.61 -5.03 0.25
C THR A 111 2.65 -3.98 -0.30
N ASN A 112 2.86 -3.52 -1.54
CA ASN A 112 1.96 -2.52 -2.11
C ASN A 112 0.61 -3.09 -2.52
N VAL A 113 0.45 -4.42 -2.47
CA VAL A 113 -0.86 -4.99 -2.82
C VAL A 113 -1.60 -5.49 -1.59
N VAL A 114 -1.08 -5.20 -0.41
CA VAL A 114 -1.74 -5.63 0.82
C VAL A 114 -3.13 -5.01 1.00
N THR A 115 -3.25 -3.70 0.78
CA THR A 115 -4.55 -3.05 0.92
C THR A 115 -5.58 -3.67 -0.02
N PRO A 116 -5.22 -3.85 -1.30
CA PRO A 116 -6.20 -4.45 -2.22
C PRO A 116 -6.61 -5.86 -1.79
N MET A 117 -5.67 -6.63 -1.24
CA MET A 117 -6.01 -7.98 -0.79
C MET A 117 -6.96 -7.88 0.41
N ALA A 118 -6.64 -6.99 1.35
CA ALA A 118 -7.50 -6.82 2.52
C ALA A 118 -8.87 -6.36 2.04
N ASP A 119 -8.88 -5.48 1.04
CA ASP A 119 -10.15 -4.97 0.51
C ASP A 119 -10.96 -6.11 -0.10
N ALA A 120 -10.33 -6.90 -0.96
CA ALA A 120 -10.99 -8.03 -1.61
C ALA A 120 -11.44 -9.07 -0.59
N PHE A 121 -10.66 -9.22 0.48
CA PHE A 121 -10.98 -10.18 1.54
C PHE A 121 -12.26 -9.79 2.27
N ALA A 122 -12.43 -8.51 2.57
CA ALA A 122 -13.61 -8.02 3.27
C ALA A 122 -14.87 -8.08 2.41
N ASP A 123 -14.74 -7.82 1.10
CA ASP A 123 -15.90 -7.86 0.22
C ASP A 123 -16.11 -9.19 -0.50
N GLY A 124 -15.32 -10.19 -0.16
CA GLY A 124 -15.47 -11.48 -0.81
C GLY A 124 -15.33 -11.43 -2.33
N ILE A 125 -14.23 -10.86 -2.79
CA ILE A 125 -13.96 -10.74 -4.22
C ILE A 125 -12.85 -11.72 -4.64
N PRO A 126 -13.09 -12.52 -5.68
CA PRO A 126 -12.11 -13.49 -6.16
C PRO A 126 -10.90 -12.80 -6.76
N MET A 127 -9.72 -13.09 -6.22
CA MET A 127 -8.49 -12.49 -6.70
C MET A 127 -7.32 -13.45 -6.47
N VAL A 128 -6.47 -13.62 -7.48
CA VAL A 128 -5.32 -14.48 -7.34
C VAL A 128 -4.08 -13.60 -7.51
N VAL A 129 -3.34 -13.44 -6.43
CA VAL A 129 -2.14 -12.62 -6.40
C VAL A 129 -0.87 -13.45 -6.47
N PHE A 130 -0.04 -13.19 -7.48
CA PHE A 130 1.22 -13.90 -7.66
C PHE A 130 2.36 -12.91 -7.34
N THR A 131 3.19 -13.24 -6.37
CA THR A 131 4.29 -12.37 -5.98
C THR A 131 5.66 -13.01 -6.17
N GLY A 132 6.54 -12.27 -6.84
CA GLY A 132 7.88 -12.78 -7.04
C GLY A 132 8.54 -12.86 -5.68
N GLN A 133 9.50 -13.77 -5.55
CA GLN A 133 10.21 -13.94 -4.29
C GLN A 133 11.68 -14.23 -4.57
N VAL A 134 12.52 -13.96 -3.58
CA VAL A 134 13.95 -14.22 -3.71
C VAL A 134 14.10 -15.73 -3.85
N PRO A 135 15.25 -16.20 -4.36
CA PRO A 135 15.48 -17.64 -4.52
C PRO A 135 15.24 -18.43 -3.24
N THR A 136 14.71 -19.64 -3.37
CA THR A 136 14.43 -20.49 -2.21
C THR A 136 15.66 -20.62 -1.32
N SER A 137 16.84 -20.69 -1.94
CA SER A 137 18.07 -20.84 -1.19
C SER A 137 18.39 -19.60 -0.35
N ALA A 138 17.74 -18.48 -0.67
CA ALA A 138 17.98 -17.24 0.05
C ALA A 138 16.95 -16.91 1.12
N ILE A 139 15.82 -17.62 1.10
CA ILE A 139 14.76 -17.39 2.07
C ILE A 139 15.30 -17.42 3.51
N GLY A 140 14.99 -16.36 4.26
CA GLY A 140 15.44 -16.28 5.64
C GLY A 140 16.89 -15.89 5.83
N THR A 141 17.38 -14.95 5.02
CA THR A 141 18.75 -14.49 5.13
C THR A 141 18.79 -12.97 5.01
N ASP A 142 17.61 -12.35 5.08
CA ASP A 142 17.47 -10.90 4.96
C ASP A 142 18.02 -10.42 3.63
N ALA A 143 17.73 -11.19 2.58
CA ALA A 143 18.17 -10.86 1.23
C ALA A 143 17.46 -9.61 0.76
N PHE A 144 18.01 -8.97 -0.26
CA PHE A 144 17.42 -7.75 -0.81
C PHE A 144 15.98 -8.01 -1.28
N GLN A 145 15.08 -7.12 -0.85
CA GLN A 145 13.65 -7.19 -1.18
C GLN A 145 12.98 -8.49 -0.78
N GLU A 146 13.44 -9.08 0.31
CA GLU A 146 12.86 -10.32 0.82
C GLU A 146 11.86 -9.92 1.88
N ALA A 147 10.63 -10.43 1.77
CA ALA A 147 9.61 -10.12 2.75
C ALA A 147 8.82 -11.38 3.02
N ASP A 148 8.38 -11.53 4.27
CA ASP A 148 7.60 -12.69 4.65
C ASP A 148 6.16 -12.42 4.20
N VAL A 149 5.98 -12.40 2.88
CA VAL A 149 4.68 -12.15 2.27
C VAL A 149 3.60 -13.13 2.71
N VAL A 150 3.97 -14.40 2.85
CA VAL A 150 3.01 -15.41 3.30
C VAL A 150 2.52 -15.05 4.69
N GLY A 151 3.42 -14.49 5.51
CA GLY A 151 3.08 -14.09 6.86
C GLY A 151 2.28 -12.79 6.88
N ILE A 152 2.71 -11.81 6.09
CA ILE A 152 2.04 -10.53 6.01
C ILE A 152 0.60 -10.62 5.51
N SER A 153 0.37 -11.49 4.54
CA SER A 153 -0.95 -11.63 3.94
C SER A 153 -1.81 -12.77 4.49
N ARG A 154 -1.36 -13.39 5.59
CA ARG A 154 -2.11 -14.49 6.17
C ARG A 154 -3.54 -14.12 6.59
N SER A 155 -3.69 -12.98 7.28
CA SER A 155 -5.00 -12.55 7.74
C SER A 155 -5.89 -11.90 6.67
N CYS A 156 -5.32 -11.56 5.52
CA CYS A 156 -6.14 -10.97 4.46
C CYS A 156 -6.26 -11.82 3.19
N THR A 157 -6.12 -13.13 3.33
CA THR A 157 -6.28 -14.05 2.20
C THR A 157 -6.97 -15.31 2.72
N LYS A 158 -7.72 -15.97 1.85
CA LYS A 158 -8.41 -17.18 2.23
C LYS A 158 -7.36 -18.28 2.40
N TRP A 159 -6.27 -18.12 1.66
CA TRP A 159 -5.20 -19.11 1.65
C TRP A 159 -4.01 -18.54 0.91
N ASN A 160 -2.81 -18.98 1.27
CA ASN A 160 -1.61 -18.57 0.57
C ASN A 160 -0.56 -19.68 0.65
N VAL A 161 0.50 -19.57 -0.14
CA VAL A 161 1.52 -20.60 -0.19
C VAL A 161 2.74 -20.10 -0.96
N MET A 162 3.88 -20.76 -0.75
CA MET A 162 5.09 -20.43 -1.46
C MET A 162 5.47 -21.68 -2.25
N VAL A 163 5.49 -21.56 -3.58
CA VAL A 163 5.83 -22.71 -4.41
C VAL A 163 7.29 -23.04 -4.13
N LYS A 164 7.56 -24.30 -3.80
CA LYS A 164 8.92 -24.72 -3.47
C LYS A 164 9.72 -25.29 -4.64
N SER A 165 9.03 -25.70 -5.70
CA SER A 165 9.72 -26.25 -6.87
C SER A 165 8.83 -26.17 -8.10
N VAL A 166 9.43 -26.20 -9.28
CA VAL A 166 8.66 -26.08 -10.51
C VAL A 166 7.63 -27.20 -10.72
N GLU A 167 7.90 -28.39 -10.19
CA GLU A 167 6.95 -29.51 -10.35
C GLU A 167 5.64 -29.21 -9.61
N GLU A 168 5.76 -28.41 -8.55
CA GLU A 168 4.65 -28.02 -7.70
C GLU A 168 3.84 -26.84 -8.25
N LEU A 169 4.40 -26.11 -9.22
CA LEU A 169 3.74 -24.93 -9.79
C LEU A 169 2.32 -25.12 -10.30
N PRO A 170 2.09 -26.09 -11.19
CA PRO A 170 0.73 -26.29 -11.69
C PRO A 170 -0.27 -26.55 -10.56
N LEU A 171 0.11 -27.41 -9.62
CA LEU A 171 -0.73 -27.76 -8.48
C LEU A 171 -1.18 -26.53 -7.70
N ARG A 172 -0.22 -25.72 -7.25
CA ARG A 172 -0.54 -24.54 -6.48
C ARG A 172 -1.44 -23.57 -7.24
N ILE A 173 -1.18 -23.40 -8.54
CA ILE A 173 -2.00 -22.51 -9.33
C ILE A 173 -3.44 -22.99 -9.33
N ASN A 174 -3.67 -24.26 -9.63
CA ASN A 174 -5.02 -24.79 -9.64
C ASN A 174 -5.71 -24.66 -8.27
N GLU A 175 -4.96 -24.88 -7.19
CA GLU A 175 -5.55 -24.77 -5.87
C GLU A 175 -5.93 -23.33 -5.60
N ALA A 176 -5.04 -22.42 -5.98
CA ALA A 176 -5.26 -21.00 -5.80
C ALA A 176 -6.57 -20.56 -6.45
N PHE A 177 -6.78 -20.95 -7.71
CA PHE A 177 -8.00 -20.58 -8.40
C PHE A 177 -9.24 -21.27 -7.82
N GLU A 178 -9.09 -22.49 -7.35
CA GLU A 178 -10.22 -23.20 -6.79
C GLU A 178 -10.69 -22.51 -5.51
N ILE A 179 -9.74 -22.21 -4.63
CA ILE A 179 -10.09 -21.57 -3.37
C ILE A 179 -10.62 -20.14 -3.54
N ALA A 180 -10.01 -19.37 -4.43
CA ALA A 180 -10.43 -18.00 -4.66
C ALA A 180 -11.86 -17.90 -5.18
N THR A 181 -12.29 -18.91 -5.92
CA THR A 181 -13.63 -18.87 -6.51
C THR A 181 -14.71 -19.76 -5.91
N SER A 182 -14.41 -20.45 -4.82
CA SER A 182 -15.40 -21.31 -4.18
C SER A 182 -15.83 -20.75 -2.82
N GLY A 183 -16.89 -21.32 -2.23
CA GLY A 183 -17.38 -20.82 -0.95
C GLY A 183 -17.63 -19.34 -1.10
N ARG A 184 -17.19 -18.55 -0.13
CA ARG A 184 -17.33 -17.11 -0.28
C ARG A 184 -16.07 -16.75 -1.04
N PRO A 185 -16.22 -16.17 -2.24
CA PRO A 185 -15.02 -15.81 -3.02
C PRO A 185 -14.08 -14.91 -2.21
N GLY A 186 -12.80 -14.94 -2.55
CA GLY A 186 -11.85 -14.12 -1.84
C GLY A 186 -10.48 -14.14 -2.47
N PRO A 187 -9.52 -13.41 -1.90
CA PRO A 187 -8.16 -13.37 -2.45
C PRO A 187 -7.26 -14.47 -1.91
N VAL A 188 -6.36 -14.95 -2.77
CA VAL A 188 -5.39 -15.97 -2.38
C VAL A 188 -4.07 -15.47 -2.92
N LEU A 189 -2.98 -15.83 -2.26
CA LEU A 189 -1.66 -15.39 -2.69
C LEU A 189 -0.73 -16.57 -2.91
N VAL A 190 0.04 -16.52 -3.99
CA VAL A 190 0.99 -17.57 -4.34
C VAL A 190 2.37 -16.94 -4.50
N ASP A 191 3.26 -17.23 -3.57
CA ASP A 191 4.61 -16.69 -3.56
C ASP A 191 5.51 -17.50 -4.49
N LEU A 192 6.08 -16.84 -5.51
CA LEU A 192 6.92 -17.50 -6.50
C LEU A 192 8.41 -17.18 -6.47
N PRO A 193 9.23 -18.08 -5.88
CA PRO A 193 10.67 -17.84 -5.82
C PRO A 193 11.25 -17.78 -7.24
N LYS A 194 12.17 -16.84 -7.47
CA LYS A 194 12.78 -16.67 -8.78
C LYS A 194 13.39 -17.95 -9.37
N ASP A 195 14.14 -18.71 -8.56
CA ASP A 195 14.76 -19.93 -9.05
C ASP A 195 13.73 -20.96 -9.50
N VAL A 196 12.57 -20.93 -8.86
CA VAL A 196 11.52 -21.87 -9.20
C VAL A 196 10.88 -21.54 -10.56
N THR A 197 10.57 -20.27 -10.80
CA THR A 197 9.95 -19.90 -12.06
C THR A 197 10.91 -19.89 -13.24
N ALA A 198 12.20 -19.78 -12.95
CA ALA A 198 13.22 -19.74 -14.00
C ALA A 198 13.72 -21.15 -14.34
N ALA A 199 13.40 -22.12 -13.49
CA ALA A 199 13.82 -23.50 -13.71
C ALA A 199 13.04 -24.16 -14.83
N ILE A 200 13.60 -25.25 -15.34
CA ILE A 200 12.98 -26.02 -16.40
C ILE A 200 12.52 -27.35 -15.82
N LEU A 201 11.27 -27.71 -16.10
CA LEU A 201 10.71 -28.95 -15.60
C LEU A 201 11.39 -30.14 -16.27
N ARG A 202 12.08 -30.96 -15.47
CA ARG A 202 12.77 -32.12 -16.00
C ARG A 202 12.00 -33.42 -15.88
N ASN A 203 11.23 -33.55 -14.82
CA ASN A 203 10.47 -34.77 -14.56
C ASN A 203 8.97 -34.66 -14.80
N PRO A 204 8.34 -35.78 -15.14
CA PRO A 204 6.89 -35.80 -15.40
C PRO A 204 6.19 -35.54 -14.07
N ILE A 205 4.96 -35.05 -14.14
CA ILE A 205 4.20 -34.76 -12.93
C ILE A 205 2.83 -35.43 -12.99
N PRO A 206 2.21 -35.65 -11.83
CA PRO A 206 0.89 -36.29 -11.76
C PRO A 206 -0.16 -35.51 -12.55
N THR A 207 -0.75 -36.17 -13.54
CA THR A 207 -1.76 -35.54 -14.40
C THR A 207 -2.83 -34.76 -13.65
N LYS A 208 -3.29 -35.31 -12.54
CA LYS A 208 -4.32 -34.67 -11.73
C LYS A 208 -3.96 -33.22 -11.43
N THR A 209 -2.74 -33.01 -10.94
CA THR A 209 -2.23 -31.69 -10.56
C THR A 209 -2.12 -30.66 -11.69
N THR A 210 -2.49 -31.03 -12.90
CA THR A 210 -2.40 -30.10 -14.03
C THR A 210 -3.77 -29.70 -14.55
N LEU A 211 -4.82 -30.32 -13.99
CA LEU A 211 -6.18 -30.03 -14.42
C LEU A 211 -6.96 -29.24 -13.37
N PRO A 212 -7.58 -28.12 -13.79
CA PRO A 212 -8.37 -27.23 -12.95
C PRO A 212 -9.35 -27.94 -12.00
N SER A 213 -9.69 -27.24 -10.91
CA SER A 213 -10.60 -27.74 -9.87
C SER A 213 -9.90 -28.77 -8.99
N ALA A 223 -23.17 -36.99 2.12
CA ALA A 223 -23.34 -36.97 3.57
C ALA A 223 -24.46 -36.01 3.98
N GLN A 224 -24.10 -34.75 4.20
CA GLN A 224 -25.07 -33.73 4.57
C GLN A 224 -25.92 -33.39 3.37
N ASP A 225 -25.52 -33.93 2.21
CA ASP A 225 -26.24 -33.70 0.96
C ASP A 225 -27.73 -33.89 1.20
N GLU A 226 -28.05 -34.65 2.25
CA GLU A 226 -29.42 -34.92 2.61
C GLU A 226 -29.99 -33.79 3.48
N PHE A 227 -29.23 -33.38 4.48
CA PHE A 227 -29.66 -32.31 5.37
C PHE A 227 -29.96 -31.03 4.56
N VAL A 228 -29.18 -30.81 3.50
CA VAL A 228 -29.36 -29.64 2.66
C VAL A 228 -30.64 -29.78 1.84
N MET A 229 -30.90 -30.99 1.35
CA MET A 229 -32.11 -31.20 0.57
C MET A 229 -33.32 -31.06 1.47
N GLN A 230 -33.15 -31.42 2.75
CA GLN A 230 -34.24 -31.32 3.71
C GLN A 230 -34.53 -29.85 3.96
N SER A 231 -33.48 -29.07 4.10
CA SER A 231 -33.58 -27.64 4.35
C SER A 231 -34.23 -26.92 3.18
N ILE A 232 -34.02 -27.43 1.98
CA ILE A 232 -34.62 -26.80 0.83
C ILE A 232 -36.13 -27.04 0.86
N ASN A 233 -36.53 -28.23 1.30
CA ASN A 233 -37.95 -28.52 1.38
C ASN A 233 -38.58 -27.66 2.47
N LYS A 234 -37.95 -27.65 3.65
CA LYS A 234 -38.46 -26.86 4.75
C LYS A 234 -38.58 -25.39 4.36
N ALA A 235 -37.58 -24.87 3.67
CA ALA A 235 -37.63 -23.47 3.24
C ALA A 235 -38.75 -23.23 2.24
N ALA A 236 -39.00 -24.19 1.37
CA ALA A 236 -40.07 -24.03 0.39
C ALA A 236 -41.40 -24.00 1.14
N ASP A 237 -41.53 -24.84 2.16
CA ASP A 237 -42.74 -24.88 2.95
C ASP A 237 -43.02 -23.53 3.62
N LEU A 238 -41.98 -22.91 4.19
CA LEU A 238 -42.15 -21.62 4.86
C LEU A 238 -42.56 -20.52 3.89
N ILE A 239 -41.96 -20.51 2.70
CA ILE A 239 -42.29 -19.51 1.72
C ILE A 239 -43.74 -19.69 1.24
N ASN A 240 -44.14 -20.94 1.02
CA ASN A 240 -45.52 -21.19 0.56
C ASN A 240 -46.52 -20.77 1.65
N LEU A 241 -46.09 -20.93 2.90
CA LEU A 241 -46.91 -20.61 4.06
C LEU A 241 -47.06 -19.12 4.35
N ALA A 242 -46.03 -18.34 4.06
CA ALA A 242 -46.01 -16.90 4.36
C ALA A 242 -47.07 -16.05 3.68
N LYS A 243 -47.51 -15.00 4.38
CA LYS A 243 -48.51 -14.07 3.84
C LYS A 243 -47.87 -12.74 3.49
N LYS A 244 -46.88 -12.32 4.27
CA LYS A 244 -46.18 -11.06 4.02
C LYS A 244 -44.68 -11.31 4.03
N PRO A 245 -44.18 -12.02 3.00
CA PRO A 245 -42.76 -12.33 2.90
C PRO A 245 -41.93 -11.24 2.25
N VAL A 246 -40.64 -11.26 2.54
CA VAL A 246 -39.71 -10.28 1.99
C VAL A 246 -38.38 -10.94 1.64
N LEU A 247 -37.90 -10.63 0.44
CA LEU A 247 -36.62 -11.13 -0.03
C LEU A 247 -35.54 -10.09 0.29
N TYR A 248 -34.62 -10.46 1.19
CA TYR A 248 -33.52 -9.61 1.61
C TYR A 248 -32.29 -10.19 0.91
N VAL A 249 -31.91 -9.55 -0.21
CA VAL A 249 -30.82 -10.00 -1.07
C VAL A 249 -29.51 -9.22 -1.00
N GLY A 250 -28.40 -9.96 -0.95
CA GLY A 250 -27.09 -9.35 -0.87
C GLY A 250 -26.11 -9.77 -1.95
N ALA A 251 -24.82 -9.54 -1.70
CA ALA A 251 -23.75 -9.86 -2.64
C ALA A 251 -23.70 -11.32 -3.15
N GLY A 252 -23.98 -12.27 -2.28
CA GLY A 252 -23.96 -13.67 -2.67
C GLY A 252 -24.69 -14.03 -3.95
N ILE A 253 -25.80 -13.36 -4.24
CA ILE A 253 -26.57 -13.68 -5.44
C ILE A 253 -25.83 -13.33 -6.73
N LEU A 254 -24.82 -12.48 -6.62
CA LEU A 254 -24.04 -12.07 -7.78
C LEU A 254 -22.87 -12.99 -8.07
N ASN A 255 -22.66 -13.99 -7.21
CA ASN A 255 -21.55 -14.91 -7.39
C ASN A 255 -21.86 -16.13 -8.25
N HIS A 256 -22.88 -15.97 -9.10
CA HIS A 256 -23.28 -17.02 -10.04
C HIS A 256 -24.00 -16.28 -11.15
N ALA A 257 -23.70 -16.64 -12.39
CA ALA A 257 -24.32 -15.98 -13.53
C ALA A 257 -25.85 -15.98 -13.55
N ASP A 258 -26.47 -17.06 -13.11
CA ASP A 258 -27.93 -17.15 -13.11
C ASP A 258 -28.64 -16.63 -11.87
N GLY A 259 -27.87 -16.26 -10.85
CA GLY A 259 -28.46 -15.77 -9.61
C GLY A 259 -29.57 -14.74 -9.82
N PRO A 260 -29.27 -13.60 -10.44
CA PRO A 260 -30.29 -12.58 -10.67
C PRO A 260 -31.52 -13.08 -11.42
N ARG A 261 -31.33 -14.00 -12.37
CA ARG A 261 -32.46 -14.52 -13.13
C ARG A 261 -33.39 -15.35 -12.24
N LEU A 262 -32.81 -16.24 -11.45
CA LEU A 262 -33.60 -17.08 -10.56
C LEU A 262 -34.26 -16.25 -9.47
N LEU A 263 -33.61 -15.16 -9.07
CA LEU A 263 -34.20 -14.32 -8.05
C LEU A 263 -35.47 -13.70 -8.61
N LYS A 264 -35.41 -13.19 -9.84
CA LYS A 264 -36.59 -12.60 -10.44
C LYS A 264 -37.68 -13.66 -10.59
N GLU A 265 -37.27 -14.86 -10.97
CA GLU A 265 -38.23 -15.94 -11.15
C GLU A 265 -38.98 -16.21 -9.86
N LEU A 266 -38.25 -16.30 -8.75
CA LEU A 266 -38.86 -16.56 -7.45
C LEU A 266 -39.76 -15.41 -7.02
N SER A 267 -39.31 -14.19 -7.29
CA SER A 267 -40.08 -13.02 -6.92
C SER A 267 -41.40 -12.97 -7.68
N ASP A 268 -41.37 -13.38 -8.94
CA ASP A 268 -42.56 -13.38 -9.78
C ASP A 268 -43.51 -14.53 -9.45
N ARG A 269 -42.95 -15.72 -9.30
CA ARG A 269 -43.73 -16.91 -9.01
C ARG A 269 -44.54 -16.82 -7.71
N ALA A 270 -43.91 -16.32 -6.64
CA ALA A 270 -44.57 -16.21 -5.36
C ALA A 270 -44.93 -14.77 -4.97
N GLN A 271 -44.83 -13.86 -5.94
CA GLN A 271 -45.13 -12.45 -5.71
C GLN A 271 -44.51 -11.98 -4.40
N ILE A 272 -43.19 -11.95 -4.36
CA ILE A 272 -42.47 -11.53 -3.16
C ILE A 272 -41.71 -10.21 -3.39
N PRO A 273 -41.93 -9.22 -2.51
CA PRO A 273 -41.23 -7.94 -2.69
C PRO A 273 -39.73 -8.18 -2.45
N VAL A 274 -38.88 -7.45 -3.17
CA VAL A 274 -37.44 -7.62 -3.05
C VAL A 274 -36.66 -6.37 -2.63
N THR A 275 -35.84 -6.52 -1.60
CA THR A 275 -34.98 -5.43 -1.14
C THR A 275 -33.54 -5.95 -1.21
N THR A 276 -32.59 -5.06 -1.49
CA THR A 276 -31.19 -5.48 -1.56
C THR A 276 -30.31 -4.68 -0.61
N THR A 277 -29.13 -5.22 -0.33
CA THR A 277 -28.16 -4.55 0.51
C THR A 277 -27.45 -3.59 -0.44
N LEU A 278 -26.44 -2.88 0.07
CA LEU A 278 -25.66 -1.97 -0.74
C LEU A 278 -24.95 -2.76 -1.83
N GLN A 279 -24.32 -3.86 -1.42
CA GLN A 279 -23.57 -4.72 -2.31
C GLN A 279 -24.48 -5.56 -3.20
N GLY A 280 -25.78 -5.51 -2.94
CA GLY A 280 -26.72 -6.27 -3.75
C GLY A 280 -27.36 -5.43 -4.84
N LEU A 281 -27.14 -4.12 -4.78
CA LEU A 281 -27.71 -3.22 -5.78
C LEU A 281 -27.42 -3.69 -7.20
N GLY A 282 -28.47 -3.77 -8.02
CA GLY A 282 -28.30 -4.21 -9.39
C GLY A 282 -28.77 -5.64 -9.60
N SER A 283 -28.86 -6.43 -8.53
CA SER A 283 -29.30 -7.82 -8.67
C SER A 283 -30.78 -7.89 -9.02
N PHE A 284 -31.51 -6.85 -8.67
CA PHE A 284 -32.94 -6.78 -8.96
C PHE A 284 -33.24 -5.43 -9.60
N ASP A 285 -34.05 -5.43 -10.65
CA ASP A 285 -34.41 -4.19 -11.34
C ASP A 285 -35.23 -3.26 -10.44
N GLN A 286 -34.66 -2.11 -10.07
CA GLN A 286 -35.36 -1.18 -9.19
C GLN A 286 -36.58 -0.55 -9.85
N GLU A 287 -36.74 -0.77 -11.15
CA GLU A 287 -37.89 -0.22 -11.85
C GLU A 287 -39.03 -1.23 -11.82
N ASP A 288 -38.75 -2.42 -11.28
CA ASP A 288 -39.76 -3.46 -11.17
C ASP A 288 -40.72 -3.06 -10.04
N PRO A 289 -42.04 -3.24 -10.26
CA PRO A 289 -43.05 -2.88 -9.26
C PRO A 289 -42.83 -3.55 -7.90
N LYS A 290 -42.24 -4.74 -7.91
CA LYS A 290 -42.00 -5.46 -6.67
C LYS A 290 -40.71 -5.06 -5.93
N SER A 291 -40.00 -4.08 -6.46
CA SER A 291 -38.76 -3.64 -5.83
C SER A 291 -38.94 -2.68 -4.66
N LEU A 292 -38.26 -2.99 -3.56
CA LEU A 292 -38.30 -2.16 -2.35
C LEU A 292 -37.05 -1.29 -2.29
N ASP A 293 -36.10 -1.57 -3.17
CA ASP A 293 -34.84 -0.84 -3.23
C ASP A 293 -33.93 -1.19 -2.05
N MET A 294 -33.01 -0.30 -1.71
CA MET A 294 -32.06 -0.57 -0.63
C MET A 294 -32.60 -0.58 0.79
N LEU A 295 -32.13 -1.56 1.56
CA LEU A 295 -32.51 -1.76 2.95
C LEU A 295 -31.44 -1.19 3.88
N GLY A 296 -31.84 -0.79 5.09
CA GLY A 296 -30.87 -0.27 6.04
C GLY A 296 -31.06 1.15 6.53
N MET A 297 -30.23 1.55 7.51
CA MET A 297 -30.32 2.89 8.08
C MET A 297 -30.16 3.99 7.02
N HIS A 298 -29.76 3.60 5.81
CA HIS A 298 -29.61 4.57 4.72
C HIS A 298 -30.44 4.18 3.52
N GLY A 299 -31.33 3.21 3.70
CA GLY A 299 -32.19 2.77 2.61
C GLY A 299 -33.55 3.41 2.63
N CYS A 300 -34.46 2.98 1.76
CA CYS A 300 -35.81 3.54 1.71
C CYS A 300 -36.60 3.18 2.98
N ALA A 301 -37.47 4.08 3.42
CA ALA A 301 -38.28 3.84 4.61
C ALA A 301 -39.14 2.61 4.36
N THR A 302 -39.72 2.55 3.16
CA THR A 302 -40.59 1.46 2.75
C THR A 302 -39.93 0.09 2.89
N ALA A 303 -38.68 -0.01 2.46
CA ALA A 303 -37.95 -1.27 2.54
C ALA A 303 -37.80 -1.67 3.99
N ASN A 304 -37.42 -0.71 4.82
CA ASN A 304 -37.24 -0.98 6.25
C ASN A 304 -38.57 -1.38 6.89
N LEU A 305 -39.66 -0.80 6.41
CA LEU A 305 -40.97 -1.11 6.95
C LEU A 305 -41.42 -2.52 6.58
N ALA A 306 -41.26 -2.89 5.31
CA ALA A 306 -41.65 -4.21 4.83
C ALA A 306 -40.92 -5.27 5.65
N VAL A 307 -39.66 -5.02 5.96
CA VAL A 307 -38.85 -5.95 6.73
C VAL A 307 -39.30 -6.03 8.19
N GLN A 308 -39.75 -4.91 8.75
CA GLN A 308 -40.20 -4.89 10.13
C GLN A 308 -41.61 -5.47 10.26
N ASN A 309 -42.34 -5.48 9.15
CA ASN A 309 -43.70 -6.02 9.16
C ASN A 309 -43.86 -7.42 8.59
N ALA A 310 -42.84 -7.89 7.88
CA ALA A 310 -42.90 -9.22 7.27
C ALA A 310 -43.03 -10.36 8.29
N ASP A 311 -43.69 -11.43 7.87
CA ASP A 311 -43.84 -12.60 8.72
C ASP A 311 -42.72 -13.59 8.37
N LEU A 312 -42.14 -13.39 7.18
CA LEU A 312 -41.05 -14.24 6.72
C LEU A 312 -39.99 -13.44 5.96
N ILE A 313 -38.74 -13.59 6.38
CA ILE A 313 -37.64 -12.90 5.69
C ILE A 313 -36.73 -13.96 5.07
N ILE A 314 -36.59 -13.88 3.76
CA ILE A 314 -35.77 -14.83 3.01
C ILE A 314 -34.46 -14.11 2.69
N ALA A 315 -33.44 -14.41 3.48
CA ALA A 315 -32.12 -13.80 3.32
C ALA A 315 -31.32 -14.57 2.27
N VAL A 316 -30.97 -13.91 1.17
CA VAL A 316 -30.23 -14.57 0.11
C VAL A 316 -28.92 -13.87 -0.18
N GLY A 317 -27.82 -14.53 0.20
CA GLY A 317 -26.50 -13.97 -0.04
C GLY A 317 -26.19 -12.65 0.64
N ALA A 318 -26.59 -12.52 1.90
CA ALA A 318 -26.36 -11.29 2.68
C ALA A 318 -25.95 -11.72 4.08
N ARG A 319 -25.18 -10.89 4.79
CA ARG A 319 -24.72 -11.28 6.12
C ARG A 319 -25.30 -10.53 7.30
N PHE A 320 -26.46 -9.90 7.13
CA PHE A 320 -27.08 -9.17 8.23
C PHE A 320 -26.11 -8.21 8.93
N ASP A 321 -25.58 -7.26 8.19
CA ASP A 321 -24.68 -6.28 8.77
C ASP A 321 -25.51 -5.31 9.61
N ASP A 322 -24.96 -4.87 10.74
CA ASP A 322 -25.68 -3.96 11.63
C ASP A 322 -26.09 -2.64 10.97
N ARG A 323 -25.51 -2.33 9.81
CA ARG A 323 -25.88 -1.11 9.11
C ARG A 323 -27.22 -1.39 8.43
N VAL A 324 -27.51 -2.67 8.25
CA VAL A 324 -28.75 -3.09 7.62
C VAL A 324 -29.82 -3.40 8.66
N THR A 325 -29.44 -4.13 9.71
CA THR A 325 -30.40 -4.54 10.72
C THR A 325 -30.70 -3.53 11.82
N GLY A 326 -29.72 -2.69 12.17
CA GLY A 326 -29.92 -1.75 13.25
C GLY A 326 -29.79 -2.58 14.52
N ASN A 327 -30.40 -2.15 15.63
CA ASN A 327 -30.32 -2.94 16.85
C ASN A 327 -30.89 -4.32 16.54
N ILE A 328 -30.04 -5.33 16.58
CA ILE A 328 -30.48 -6.67 16.25
C ILE A 328 -31.67 -7.19 17.04
N SER A 329 -31.70 -6.88 18.34
CA SER A 329 -32.79 -7.35 19.20
C SER A 329 -34.14 -6.77 18.82
N LYS A 330 -34.15 -5.74 17.99
CA LYS A 330 -35.40 -5.10 17.58
C LYS A 330 -35.61 -5.20 16.07
N PHE A 331 -34.81 -6.04 15.43
CA PHE A 331 -34.88 -6.24 13.99
C PHE A 331 -35.93 -7.29 13.63
N ALA A 332 -36.74 -6.99 12.63
CA ALA A 332 -37.79 -7.90 12.16
C ALA A 332 -38.67 -8.50 13.27
N PRO A 333 -39.36 -7.65 14.04
CA PRO A 333 -40.22 -8.12 15.13
C PRO A 333 -41.38 -9.02 14.67
N GLU A 334 -41.97 -8.73 13.52
CA GLU A 334 -43.06 -9.57 13.04
C GLU A 334 -42.56 -10.93 12.54
N ALA A 335 -41.30 -10.99 12.12
CA ALA A 335 -40.73 -12.25 11.65
C ALA A 335 -40.45 -13.11 12.87
N ARG A 336 -40.04 -12.48 13.96
CA ARG A 336 -39.74 -13.19 15.20
C ARG A 336 -41.02 -13.77 15.77
N ARG A 337 -42.08 -12.96 15.76
CA ARG A 337 -43.37 -13.39 16.25
C ARG A 337 -43.80 -14.63 15.48
N ALA A 338 -43.72 -14.55 14.16
CA ALA A 338 -44.09 -15.67 13.31
C ALA A 338 -43.28 -16.91 13.68
N ALA A 339 -41.98 -16.73 13.86
CA ALA A 339 -41.14 -17.86 14.24
C ALA A 339 -41.67 -18.42 15.56
N ALA A 340 -41.86 -17.54 16.52
CA ALA A 340 -42.35 -17.96 17.82
C ALA A 340 -43.64 -18.76 17.70
N GLU A 341 -44.52 -18.35 16.79
CA GLU A 341 -45.80 -19.03 16.63
C GLU A 341 -45.76 -20.16 15.59
N GLY A 342 -44.55 -20.47 15.11
CA GLY A 342 -44.39 -21.54 14.14
C GLY A 342 -44.97 -21.35 12.75
N ARG A 343 -45.01 -20.12 12.26
CA ARG A 343 -45.57 -19.86 10.94
C ARG A 343 -44.71 -18.87 10.13
N GLY A 344 -43.42 -18.78 10.46
CA GLY A 344 -42.56 -17.86 9.74
C GLY A 344 -41.18 -17.74 10.37
N GLY A 345 -40.56 -16.57 10.21
CA GLY A 345 -39.24 -16.39 10.79
C GLY A 345 -38.20 -15.95 9.77
N ILE A 346 -37.01 -16.51 9.87
CA ILE A 346 -35.93 -16.14 8.97
C ILE A 346 -35.30 -17.34 8.26
N ILE A 347 -35.25 -17.27 6.93
CA ILE A 347 -34.64 -18.32 6.14
C ILE A 347 -33.35 -17.70 5.62
N HIS A 348 -32.24 -18.43 5.72
CA HIS A 348 -30.96 -17.90 5.29
C HIS A 348 -30.23 -18.80 4.29
N PHE A 349 -30.05 -18.31 3.06
CA PHE A 349 -29.30 -19.07 2.06
C PHE A 349 -27.86 -18.55 2.16
N GLU A 350 -27.00 -19.32 2.81
CA GLU A 350 -25.61 -18.93 3.04
C GLU A 350 -24.62 -19.98 2.56
N VAL A 351 -23.49 -19.53 2.02
CA VAL A 351 -22.48 -20.44 1.53
C VAL A 351 -21.45 -20.82 2.58
N SER A 352 -21.26 -19.95 3.58
CA SER A 352 -20.29 -20.22 4.64
C SER A 352 -20.91 -20.61 5.97
N PRO A 353 -20.63 -21.84 6.43
CA PRO A 353 -21.15 -22.37 7.69
C PRO A 353 -20.89 -21.42 8.86
N LYS A 354 -19.75 -20.74 8.81
CA LYS A 354 -19.38 -19.81 9.87
C LYS A 354 -20.36 -18.65 10.04
N ASN A 355 -20.99 -18.23 8.95
CA ASN A 355 -21.91 -17.10 9.03
C ASN A 355 -23.36 -17.47 9.31
N ILE A 356 -23.64 -18.76 9.48
CA ILE A 356 -25.00 -19.20 9.74
C ILE A 356 -25.33 -19.09 11.22
N ASN A 357 -26.38 -18.32 11.53
CA ASN A 357 -26.81 -18.09 12.91
C ASN A 357 -25.79 -17.28 13.69
N LYS A 358 -24.88 -16.61 12.98
CA LYS A 358 -23.86 -15.81 13.65
C LYS A 358 -24.44 -14.54 14.26
N VAL A 359 -25.20 -13.79 13.48
CA VAL A 359 -25.80 -12.55 13.98
C VAL A 359 -27.22 -12.78 14.51
N VAL A 360 -28.05 -13.40 13.68
CA VAL A 360 -29.44 -13.67 14.06
C VAL A 360 -29.74 -15.16 13.99
N GLN A 361 -30.53 -15.64 14.95
CA GLN A 361 -30.93 -17.04 14.99
C GLN A 361 -31.90 -17.23 13.82
N THR A 362 -31.64 -18.22 12.97
CA THR A 362 -32.50 -18.45 11.83
C THR A 362 -33.30 -19.74 11.96
N GLN A 363 -34.54 -19.73 11.46
CA GLN A 363 -35.39 -20.91 11.52
C GLN A 363 -34.87 -21.98 10.58
N ILE A 364 -34.35 -21.55 9.44
CA ILE A 364 -33.83 -22.48 8.46
C ILE A 364 -32.63 -21.90 7.76
N ALA A 365 -31.61 -22.74 7.57
CA ALA A 365 -30.40 -22.35 6.89
C ALA A 365 -30.15 -23.34 5.76
N VAL A 366 -30.10 -22.82 4.52
CA VAL A 366 -29.84 -23.65 3.34
C VAL A 366 -28.37 -23.40 3.02
N GLU A 367 -27.53 -24.37 3.39
CA GLU A 367 -26.09 -24.28 3.20
C GLU A 367 -25.65 -24.44 1.75
N GLY A 368 -24.73 -23.58 1.32
CA GLY A 368 -24.24 -23.66 -0.04
C GLY A 368 -24.49 -22.46 -0.92
N ASP A 369 -24.29 -22.66 -2.22
CA ASP A 369 -24.46 -21.60 -3.20
C ASP A 369 -25.93 -21.21 -3.32
N ALA A 370 -26.23 -19.94 -3.11
CA ALA A 370 -27.61 -19.46 -3.17
C ALA A 370 -28.28 -19.73 -4.50
N THR A 371 -27.58 -19.45 -5.60
CA THR A 371 -28.17 -19.67 -6.92
C THR A 371 -28.55 -21.14 -7.12
N THR A 372 -27.59 -22.02 -6.86
CA THR A 372 -27.84 -23.45 -7.02
C THR A 372 -29.07 -23.87 -6.21
N ASN A 373 -29.09 -23.52 -4.93
CA ASN A 373 -30.21 -23.89 -4.08
C ASN A 373 -31.56 -23.26 -4.46
N LEU A 374 -31.54 -22.04 -4.98
CA LEU A 374 -32.80 -21.44 -5.40
C LEU A 374 -33.30 -22.25 -6.62
N GLY A 375 -32.35 -22.78 -7.39
CA GLY A 375 -32.70 -23.56 -8.55
C GLY A 375 -33.40 -24.84 -8.16
N LYS A 376 -32.83 -25.53 -7.18
CA LYS A 376 -33.39 -26.79 -6.71
C LYS A 376 -34.73 -26.62 -6.01
N MET A 377 -34.97 -25.41 -5.50
CA MET A 377 -36.19 -25.12 -4.76
C MET A 377 -37.36 -24.57 -5.58
N MET A 378 -37.07 -23.99 -6.75
CA MET A 378 -38.12 -23.38 -7.57
C MET A 378 -39.38 -24.21 -7.81
N SER A 379 -39.21 -25.45 -8.24
CA SER A 379 -40.34 -26.32 -8.54
C SER A 379 -41.21 -26.63 -7.33
N LYS A 380 -40.70 -26.35 -6.13
CA LYS A 380 -41.44 -26.61 -4.90
C LYS A 380 -42.21 -25.40 -4.38
N ILE A 381 -42.08 -24.26 -5.06
CA ILE A 381 -42.75 -23.03 -4.65
C ILE A 381 -44.14 -22.90 -5.27
N PHE A 382 -45.15 -22.70 -4.44
CA PHE A 382 -46.51 -22.56 -4.94
C PHE A 382 -46.72 -21.22 -5.64
N PRO A 383 -47.23 -21.24 -6.88
CA PRO A 383 -47.47 -20.00 -7.62
C PRO A 383 -48.57 -19.17 -6.95
N VAL A 384 -48.27 -17.91 -6.66
CA VAL A 384 -49.20 -17.01 -6.01
C VAL A 384 -49.68 -15.94 -6.99
N LYS A 385 -50.98 -15.91 -7.26
CA LYS A 385 -51.51 -14.93 -8.20
C LYS A 385 -51.35 -13.50 -7.71
N GLU A 386 -51.53 -13.28 -6.42
CA GLU A 386 -51.40 -11.93 -5.88
C GLU A 386 -51.29 -11.83 -4.37
N ARG A 387 -50.86 -10.65 -3.92
CA ARG A 387 -50.72 -10.32 -2.52
C ARG A 387 -51.15 -8.86 -2.47
N SER A 388 -52.36 -8.63 -2.96
CA SER A 388 -52.96 -7.30 -3.04
C SER A 388 -52.82 -6.49 -1.76
N GLU A 389 -53.17 -7.10 -0.63
CA GLU A 389 -53.09 -6.41 0.64
C GLU A 389 -51.66 -6.01 0.97
N TRP A 390 -50.75 -6.98 0.93
CA TRP A 390 -49.34 -6.76 1.22
C TRP A 390 -48.77 -5.67 0.32
N PHE A 391 -49.01 -5.77 -0.98
CA PHE A 391 -48.49 -4.76 -1.88
C PHE A 391 -49.20 -3.42 -1.75
N ALA A 392 -50.43 -3.45 -1.27
CA ALA A 392 -51.19 -2.20 -1.08
C ALA A 392 -50.53 -1.44 0.05
N GLN A 393 -50.20 -2.15 1.12
CA GLN A 393 -49.55 -1.54 2.27
C GLN A 393 -48.19 -1.00 1.86
N ILE A 394 -47.46 -1.78 1.06
CA ILE A 394 -46.15 -1.40 0.59
C ILE A 394 -46.23 -0.15 -0.29
N ASN A 395 -47.04 -0.20 -1.33
CA ASN A 395 -47.20 0.94 -2.23
C ASN A 395 -47.72 2.17 -1.50
N LYS A 396 -48.38 1.94 -0.37
CA LYS A 396 -48.93 3.03 0.44
C LYS A 396 -47.76 3.72 1.13
N TRP A 397 -46.81 2.93 1.63
CA TRP A 397 -45.64 3.48 2.29
C TRP A 397 -44.75 4.23 1.28
N LYS A 398 -44.63 3.66 0.08
CA LYS A 398 -43.81 4.26 -0.97
C LYS A 398 -44.18 5.72 -1.24
N LYS A 399 -45.47 5.99 -1.43
CA LYS A 399 -45.91 7.35 -1.70
C LYS A 399 -46.17 8.12 -0.41
N GLU A 400 -45.97 7.45 0.72
CA GLU A 400 -46.19 8.07 2.03
C GLU A 400 -44.85 8.52 2.60
N TYR A 401 -43.77 7.87 2.16
CA TYR A 401 -42.42 8.19 2.62
C TYR A 401 -41.46 8.35 1.43
N PRO A 402 -41.87 9.11 0.40
CA PRO A 402 -41.02 9.31 -0.77
C PRO A 402 -39.66 9.87 -0.36
N TYR A 403 -38.68 8.99 -0.19
CA TYR A 403 -37.35 9.40 0.21
C TYR A 403 -36.74 10.42 -0.76
N ALA A 404 -36.72 11.68 -0.34
CA ALA A 404 -36.17 12.75 -1.15
C ALA A 404 -35.31 13.67 -0.29
N TYR A 405 -34.14 14.03 -0.81
CA TYR A 405 -33.20 14.90 -0.11
C TYR A 405 -33.75 16.32 -0.04
N MET A 406 -32.88 17.27 0.28
CA MET A 406 -33.28 18.68 0.37
C MET A 406 -32.93 19.38 -0.94
N GLU A 407 -33.96 19.58 -1.76
CA GLU A 407 -33.82 20.22 -3.07
C GLU A 407 -32.92 21.45 -3.08
N GLU A 408 -32.72 22.03 -4.26
CA GLU A 408 -31.86 23.20 -4.41
C GLU A 408 -32.62 24.50 -4.67
N THR A 409 -32.23 25.55 -3.96
CA THR A 409 -32.84 26.86 -4.12
C THR A 409 -32.23 27.56 -5.32
N PRO A 410 -33.06 28.09 -6.23
CA PRO A 410 -32.59 28.80 -7.43
C PRO A 410 -31.38 29.70 -7.19
N GLY A 411 -30.39 29.60 -8.07
CA GLY A 411 -29.18 30.41 -7.94
C GLY A 411 -28.46 30.12 -6.63
N SER A 412 -28.03 28.87 -6.47
CA SER A 412 -27.31 28.45 -5.27
C SER A 412 -26.39 27.26 -5.55
N LYS A 413 -25.58 26.91 -4.56
CA LYS A 413 -24.65 25.78 -4.70
C LYS A 413 -25.36 24.50 -5.11
N ILE A 414 -24.78 23.80 -6.08
CA ILE A 414 -25.34 22.56 -6.58
C ILE A 414 -25.26 21.44 -5.54
N LYS A 415 -26.37 20.74 -5.35
CA LYS A 415 -26.42 19.65 -4.39
C LYS A 415 -25.99 18.36 -5.11
N PRO A 416 -25.12 17.57 -4.48
CA PRO A 416 -24.62 16.32 -5.05
C PRO A 416 -25.69 15.32 -5.44
N GLN A 417 -26.70 15.12 -4.58
CA GLN A 417 -27.75 14.17 -4.91
C GLN A 417 -28.36 14.50 -6.25
N THR A 418 -28.48 15.79 -6.53
CA THR A 418 -29.06 16.24 -7.80
C THR A 418 -28.19 15.80 -8.97
N VAL A 419 -26.88 15.97 -8.81
CA VAL A 419 -25.95 15.59 -9.86
C VAL A 419 -26.12 14.11 -10.19
N ILE A 420 -26.28 13.31 -9.16
CA ILE A 420 -26.43 11.87 -9.32
C ILE A 420 -27.74 11.47 -10.00
N LYS A 421 -28.85 12.02 -9.51
CA LYS A 421 -30.16 11.73 -10.09
C LYS A 421 -30.14 12.08 -11.56
N LYS A 422 -29.53 13.22 -11.89
CA LYS A 422 -29.46 13.67 -13.28
C LYS A 422 -28.53 12.83 -14.14
N LEU A 423 -27.31 12.59 -13.67
CA LEU A 423 -26.36 11.79 -14.42
C LEU A 423 -26.94 10.41 -14.72
N SER A 424 -27.70 9.88 -13.78
CA SER A 424 -28.34 8.58 -13.93
C SER A 424 -29.26 8.62 -15.16
N LYS A 425 -30.03 9.69 -15.27
CA LYS A 425 -30.96 9.89 -16.39
C LYS A 425 -30.17 9.98 -17.70
N VAL A 426 -29.16 10.85 -17.73
CA VAL A 426 -28.33 11.03 -18.92
C VAL A 426 -27.68 9.73 -19.36
N ALA A 427 -27.14 8.99 -18.38
CA ALA A 427 -26.48 7.72 -18.66
C ALA A 427 -27.49 6.77 -19.28
N ASN A 428 -28.66 6.68 -18.65
CA ASN A 428 -29.73 5.82 -19.10
C ASN A 428 -30.17 6.12 -20.55
N ASP A 429 -30.21 7.40 -20.92
CA ASP A 429 -30.63 7.81 -22.25
C ASP A 429 -29.74 7.32 -23.38
N THR A 430 -28.53 6.88 -23.04
CA THR A 430 -27.60 6.41 -24.06
C THR A 430 -27.97 4.98 -24.44
N GLY A 431 -28.72 4.31 -23.59
CA GLY A 431 -29.12 2.95 -23.87
C GLY A 431 -28.00 1.94 -23.64
N ARG A 432 -26.77 2.42 -23.40
CA ARG A 432 -25.62 1.55 -23.16
C ARG A 432 -25.69 0.86 -21.80
N HIS A 433 -24.87 -0.18 -21.64
CA HIS A 433 -24.77 -0.90 -20.38
C HIS A 433 -23.90 0.02 -19.53
N VAL A 434 -24.37 0.36 -18.33
CA VAL A 434 -23.62 1.28 -17.47
C VAL A 434 -23.11 0.64 -16.19
N ILE A 435 -21.85 0.88 -15.89
CA ILE A 435 -21.23 0.36 -14.69
C ILE A 435 -20.78 1.57 -13.89
N VAL A 436 -20.98 1.51 -12.59
CA VAL A 436 -20.61 2.62 -11.71
C VAL A 436 -19.68 2.14 -10.60
N THR A 437 -18.60 2.88 -10.38
CA THR A 437 -17.67 2.58 -9.29
C THR A 437 -17.71 3.88 -8.47
N THR A 438 -17.19 3.85 -7.26
CA THR A 438 -17.20 5.05 -6.43
C THR A 438 -15.99 5.05 -5.51
N GLY A 439 -15.81 6.17 -4.83
CA GLY A 439 -14.74 6.29 -3.85
C GLY A 439 -15.42 5.96 -2.53
N VAL A 440 -14.92 6.54 -1.45
CA VAL A 440 -15.49 6.30 -0.13
C VAL A 440 -15.80 7.61 0.56
N GLY A 441 -17.02 7.72 1.10
CA GLY A 441 -17.44 8.94 1.77
C GLY A 441 -18.90 9.20 1.55
N GLN A 442 -19.32 10.45 1.70
CA GLN A 442 -20.73 10.80 1.51
C GLN A 442 -21.21 10.50 0.09
N HIS A 443 -20.38 10.80 -0.92
CA HIS A 443 -20.76 10.55 -2.30
C HIS A 443 -21.06 9.07 -2.56
N GLN A 444 -20.45 8.20 -1.77
CA GLN A 444 -20.66 6.76 -1.91
C GLN A 444 -22.11 6.40 -1.59
N MET A 445 -22.61 6.88 -0.47
CA MET A 445 -23.99 6.61 -0.08
C MET A 445 -24.97 7.29 -1.03
N TRP A 446 -24.67 8.51 -1.44
CA TRP A 446 -25.55 9.22 -2.35
C TRP A 446 -25.65 8.48 -3.66
N ALA A 447 -24.53 7.92 -4.11
CA ALA A 447 -24.54 7.18 -5.36
C ALA A 447 -25.45 5.97 -5.20
N ALA A 448 -25.33 5.28 -4.07
CA ALA A 448 -26.14 4.10 -3.82
C ALA A 448 -27.62 4.44 -3.78
N GLN A 449 -27.96 5.50 -3.06
CA GLN A 449 -29.35 5.92 -2.90
C GLN A 449 -30.06 6.51 -4.12
N HIS A 450 -29.48 7.57 -4.67
CA HIS A 450 -30.10 8.28 -5.78
C HIS A 450 -29.90 7.80 -7.21
N TRP A 451 -29.20 6.70 -7.39
CA TRP A 451 -29.02 6.18 -8.74
C TRP A 451 -30.07 5.07 -8.86
N THR A 452 -30.54 4.81 -10.07
CA THR A 452 -31.55 3.78 -10.27
C THR A 452 -30.89 2.51 -10.79
N TRP A 453 -30.76 1.52 -9.91
CA TRP A 453 -30.12 0.26 -10.27
C TRP A 453 -31.04 -0.71 -11.00
N ARG A 454 -30.55 -1.27 -12.10
CA ARG A 454 -31.36 -2.19 -12.89
C ARG A 454 -30.65 -3.47 -13.31
N ASN A 455 -29.36 -3.38 -13.60
CA ASN A 455 -28.60 -4.55 -14.03
C ASN A 455 -27.59 -5.06 -13.02
N PRO A 456 -27.40 -6.39 -12.96
CA PRO A 456 -26.44 -7.00 -12.03
C PRO A 456 -25.00 -6.70 -12.44
N HIS A 457 -24.11 -6.64 -11.45
CA HIS A 457 -22.69 -6.37 -11.70
C HIS A 457 -22.46 -4.97 -12.27
N THR A 458 -23.19 -3.98 -11.76
CA THR A 458 -23.03 -2.61 -12.26
C THR A 458 -22.69 -1.61 -11.16
N PHE A 459 -22.71 -2.05 -9.91
CA PHE A 459 -22.36 -1.18 -8.80
C PHE A 459 -21.14 -1.81 -8.16
N ILE A 460 -19.99 -1.16 -8.34
CA ILE A 460 -18.72 -1.63 -7.85
C ILE A 460 -18.14 -0.62 -6.87
N THR A 461 -18.38 -0.86 -5.59
CA THR A 461 -17.93 0.06 -4.54
C THR A 461 -17.31 -0.73 -3.38
N SER A 462 -16.37 -0.11 -2.67
CA SER A 462 -15.70 -0.76 -1.54
C SER A 462 -16.54 -0.65 -0.28
N GLY A 463 -17.22 -1.74 0.08
CA GLY A 463 -18.06 -1.71 1.26
C GLY A 463 -17.47 -2.27 2.53
N GLY A 464 -16.88 -3.45 2.44
CA GLY A 464 -16.30 -4.08 3.61
C GLY A 464 -15.17 -3.32 4.28
N LEU A 465 -14.20 -2.88 3.49
CA LEU A 465 -13.05 -2.16 4.02
C LEU A 465 -13.15 -0.66 3.81
N GLY A 466 -13.94 -0.24 2.81
CA GLY A 466 -14.10 1.18 2.54
C GLY A 466 -12.78 1.85 2.21
N THR A 467 -12.13 1.40 1.15
CA THR A 467 -10.84 1.94 0.75
C THR A 467 -10.94 3.16 -0.15
N MET A 468 -10.54 4.32 0.37
CA MET A 468 -10.54 5.55 -0.43
C MET A 468 -9.56 5.34 -1.57
N GLY A 469 -9.88 5.87 -2.74
CA GLY A 469 -8.99 5.75 -3.89
C GLY A 469 -9.35 4.57 -4.79
N TYR A 470 -10.36 3.82 -4.36
CA TYR A 470 -10.86 2.66 -5.07
C TYR A 470 -11.46 3.00 -6.45
N GLY A 471 -12.24 4.08 -6.49
CA GLY A 471 -12.94 4.49 -7.69
C GLY A 471 -12.26 4.42 -9.05
N LEU A 472 -11.21 5.21 -9.24
CA LEU A 472 -10.49 5.25 -10.50
C LEU A 472 -9.94 3.90 -10.98
N PRO A 473 -9.07 3.26 -10.19
CA PRO A 473 -8.53 1.98 -10.64
C PRO A 473 -9.58 0.88 -10.83
N ALA A 474 -10.59 0.85 -9.98
CA ALA A 474 -11.64 -0.17 -10.11
C ALA A 474 -12.40 0.07 -11.40
N ALA A 475 -12.59 1.34 -11.74
CA ALA A 475 -13.28 1.71 -12.98
C ALA A 475 -12.46 1.28 -14.19
N ILE A 476 -11.14 1.46 -14.11
CA ILE A 476 -10.26 1.05 -15.21
C ILE A 476 -10.37 -0.46 -15.42
N GLY A 477 -10.33 -1.21 -14.33
CA GLY A 477 -10.43 -2.66 -14.41
C GLY A 477 -11.78 -3.11 -14.94
N ALA A 478 -12.84 -2.42 -14.51
CA ALA A 478 -14.19 -2.75 -14.96
C ALA A 478 -14.30 -2.49 -16.46
N GLN A 479 -13.70 -1.40 -16.92
CA GLN A 479 -13.74 -1.03 -18.32
C GLN A 479 -13.01 -2.10 -19.14
N VAL A 480 -11.89 -2.60 -18.64
CA VAL A 480 -11.16 -3.63 -19.35
C VAL A 480 -12.01 -4.89 -19.47
N ALA A 481 -12.83 -5.14 -18.45
CA ALA A 481 -13.70 -6.32 -18.43
C ALA A 481 -14.91 -6.18 -19.36
N LYS A 482 -15.44 -4.96 -19.46
CA LYS A 482 -16.60 -4.68 -20.32
C LYS A 482 -16.25 -3.51 -21.22
N PRO A 483 -15.50 -3.76 -22.30
CA PRO A 483 -15.09 -2.72 -23.26
C PRO A 483 -16.21 -1.87 -23.84
N GLU A 484 -17.39 -2.47 -24.01
CA GLU A 484 -18.50 -1.73 -24.59
C GLU A 484 -19.33 -0.96 -23.57
N SER A 485 -19.10 -1.21 -22.30
CA SER A 485 -19.88 -0.53 -21.26
C SER A 485 -19.43 0.90 -21.00
N LEU A 486 -20.37 1.72 -20.55
CA LEU A 486 -20.09 3.10 -20.20
C LEU A 486 -19.76 2.96 -18.70
N VAL A 487 -18.52 3.26 -18.35
CA VAL A 487 -18.08 3.13 -16.97
C VAL A 487 -17.89 4.48 -16.32
N ILE A 488 -18.66 4.73 -15.26
CA ILE A 488 -18.59 5.99 -14.54
C ILE A 488 -18.07 5.80 -13.12
N ASP A 489 -17.15 6.67 -12.73
CA ASP A 489 -16.62 6.62 -11.38
C ASP A 489 -17.15 7.85 -10.67
N ILE A 490 -18.09 7.65 -9.74
CA ILE A 490 -18.63 8.75 -8.96
C ILE A 490 -17.69 8.83 -7.76
N ASP A 491 -16.76 9.76 -7.82
CA ASP A 491 -15.73 9.94 -6.80
C ASP A 491 -15.81 11.19 -5.94
N GLY A 492 -15.09 11.16 -4.82
CA GLY A 492 -15.03 12.31 -3.93
C GLY A 492 -13.66 12.95 -4.14
N ASP A 493 -13.51 14.21 -3.77
CA ASP A 493 -12.21 14.85 -3.98
C ASP A 493 -11.08 14.23 -3.15
N ALA A 494 -11.31 14.01 -1.86
CA ALA A 494 -10.25 13.42 -1.03
C ALA A 494 -9.93 12.00 -1.49
N SER A 495 -10.95 11.19 -1.77
CA SER A 495 -10.73 9.82 -2.24
C SER A 495 -9.94 9.81 -3.54
N PHE A 496 -10.33 10.67 -4.47
CA PHE A 496 -9.67 10.74 -5.76
C PHE A 496 -8.16 11.04 -5.63
N ASN A 497 -7.78 11.87 -4.67
CA ASN A 497 -6.36 12.20 -4.51
C ASN A 497 -5.50 10.99 -4.16
N MET A 498 -6.07 10.03 -3.43
CA MET A 498 -5.33 8.85 -3.03
C MET A 498 -4.65 8.14 -4.19
N THR A 499 -5.36 7.99 -5.31
CA THR A 499 -4.81 7.26 -6.44
C THR A 499 -4.89 7.93 -7.80
N LEU A 500 -4.97 9.26 -7.84
CA LEU A 500 -5.09 9.96 -9.11
C LEU A 500 -3.96 9.73 -10.12
N THR A 501 -2.85 9.14 -9.70
CA THR A 501 -1.75 8.89 -10.62
C THR A 501 -2.16 7.85 -11.67
N GLU A 502 -3.19 7.06 -11.37
CA GLU A 502 -3.64 6.05 -12.31
C GLU A 502 -4.36 6.65 -13.52
N LEU A 503 -4.53 7.97 -13.50
CA LEU A 503 -5.18 8.68 -14.59
C LEU A 503 -4.42 8.38 -15.91
N SER A 504 -3.10 8.46 -15.85
CA SER A 504 -2.29 8.18 -17.04
C SER A 504 -2.40 6.70 -17.42
N SER A 505 -2.68 5.85 -16.44
CA SER A 505 -2.82 4.40 -16.71
C SER A 505 -4.06 4.17 -17.57
N ALA A 506 -5.10 4.97 -17.31
CA ALA A 506 -6.33 4.86 -18.08
C ALA A 506 -6.04 5.20 -19.54
N VAL A 507 -5.32 6.29 -19.76
CA VAL A 507 -4.98 6.69 -21.12
C VAL A 507 -4.18 5.59 -21.79
N GLN A 508 -3.14 5.11 -21.11
CA GLN A 508 -2.29 4.07 -21.67
C GLN A 508 -3.03 2.78 -21.99
N ALA A 509 -3.99 2.42 -21.16
CA ALA A 509 -4.78 1.19 -21.36
C ALA A 509 -5.95 1.39 -22.31
N GLY A 510 -6.16 2.64 -22.76
CA GLY A 510 -7.25 2.91 -23.66
C GLY A 510 -8.65 2.74 -23.06
N THR A 511 -8.76 2.85 -21.75
CA THR A 511 -10.06 2.70 -21.10
C THR A 511 -10.73 4.07 -20.96
N PRO A 512 -11.79 4.31 -21.75
CA PRO A 512 -12.55 5.57 -21.76
C PRO A 512 -13.46 5.82 -20.56
N VAL A 513 -12.91 5.66 -19.36
CA VAL A 513 -13.68 5.86 -18.15
C VAL A 513 -14.11 7.31 -17.96
N LYS A 514 -15.30 7.51 -17.39
CA LYS A 514 -15.81 8.85 -17.13
C LYS A 514 -15.64 9.10 -15.63
N ILE A 515 -14.69 9.96 -15.28
CA ILE A 515 -14.40 10.26 -13.89
C ILE A 515 -15.17 11.49 -13.40
N LEU A 516 -16.11 11.28 -12.50
CA LEU A 516 -16.88 12.38 -11.94
C LEU A 516 -16.38 12.70 -10.53
N ILE A 517 -15.94 13.93 -10.32
CA ILE A 517 -15.47 14.33 -9.00
C ILE A 517 -16.41 15.34 -8.35
N LEU A 518 -17.11 14.91 -7.31
CA LEU A 518 -18.01 15.79 -6.57
C LEU A 518 -17.13 16.48 -5.55
N ASN A 519 -16.66 17.67 -5.90
CA ASN A 519 -15.76 18.42 -5.03
C ASN A 519 -16.52 19.31 -4.05
N ASN A 520 -16.49 18.96 -2.77
CA ASN A 520 -17.16 19.76 -1.75
C ASN A 520 -16.18 20.42 -0.78
N GLU A 521 -14.96 20.65 -1.24
CA GLU A 521 -13.95 21.29 -0.41
C GLU A 521 -14.04 22.80 -0.58
N GLU A 522 -14.25 23.51 0.53
CA GLU A 522 -14.36 24.97 0.51
C GLU A 522 -13.08 25.61 -0.01
N SER A 539 -10.40 18.55 14.02
CA SER A 539 -11.64 19.05 13.45
C SER A 539 -11.38 19.79 12.14
N HIS A 540 -12.22 19.54 11.14
CA HIS A 540 -12.11 20.17 9.83
C HIS A 540 -10.68 20.18 9.27
N THR A 541 -10.34 19.10 8.59
CA THR A 541 -9.01 18.94 7.99
C THR A 541 -9.05 19.39 6.54
N HIS A 542 -8.89 20.69 6.30
CA HIS A 542 -8.91 21.22 4.94
C HIS A 542 -7.68 20.79 4.14
N GLN A 543 -7.92 19.97 3.12
CA GLN A 543 -6.87 19.44 2.26
C GLN A 543 -6.79 20.27 0.97
N LEU A 544 -5.57 20.50 0.49
CA LEU A 544 -5.36 21.28 -0.73
C LEU A 544 -5.47 20.40 -1.97
N ASN A 545 -6.41 20.71 -2.86
CA ASN A 545 -6.58 19.92 -4.08
C ASN A 545 -5.86 20.52 -5.27
N PRO A 546 -5.46 19.66 -6.22
CA PRO A 546 -4.79 20.20 -7.40
C PRO A 546 -5.88 20.74 -8.33
N ASP A 547 -5.49 21.34 -9.45
CA ASP A 547 -6.49 21.83 -10.40
C ASP A 547 -6.87 20.55 -11.14
N PHE A 548 -8.03 19.98 -10.81
CA PHE A 548 -8.45 18.74 -11.43
C PHE A 548 -8.50 18.77 -12.94
N ILE A 549 -8.96 19.88 -13.50
CA ILE A 549 -9.03 19.98 -14.96
C ILE A 549 -7.64 20.00 -15.56
N LYS A 550 -6.75 20.83 -15.01
CA LYS A 550 -5.39 20.91 -15.53
C LYS A 550 -4.67 19.57 -15.29
N LEU A 551 -5.02 18.89 -14.20
CA LEU A 551 -4.41 17.59 -13.89
C LEU A 551 -4.79 16.60 -14.99
N ALA A 552 -6.09 16.53 -15.29
CA ALA A 552 -6.58 15.63 -16.34
C ALA A 552 -5.84 15.88 -17.64
N GLU A 553 -5.78 17.15 -18.06
CA GLU A 553 -5.10 17.48 -19.30
C GLU A 553 -3.64 17.06 -19.22
N ALA A 554 -3.01 17.26 -18.07
CA ALA A 554 -1.62 16.89 -17.92
C ALA A 554 -1.44 15.37 -18.03
N MET A 555 -2.47 14.61 -17.61
CA MET A 555 -2.42 13.16 -17.67
C MET A 555 -2.78 12.63 -19.06
N GLY A 556 -3.42 13.46 -19.88
CA GLY A 556 -3.78 13.04 -21.22
C GLY A 556 -5.27 12.86 -21.47
N LEU A 557 -6.12 13.40 -20.60
CA LEU A 557 -7.55 13.26 -20.77
C LEU A 557 -8.20 14.62 -20.94
N LYS A 558 -9.49 14.59 -21.25
CA LYS A 558 -10.27 15.80 -21.40
C LYS A 558 -10.77 16.17 -20.00
N GLY A 559 -10.71 17.45 -19.66
CA GLY A 559 -11.17 17.90 -18.36
C GLY A 559 -12.35 18.85 -18.49
N LEU A 560 -13.34 18.71 -17.63
CA LEU A 560 -14.53 19.56 -17.65
C LEU A 560 -14.85 19.99 -16.23
N ARG A 561 -15.40 21.19 -16.07
CA ARG A 561 -15.76 21.69 -14.75
C ARG A 561 -17.15 22.35 -14.77
N VAL A 562 -17.84 22.28 -13.64
CA VAL A 562 -19.16 22.86 -13.47
C VAL A 562 -19.17 23.66 -12.17
N LYS A 563 -19.53 24.93 -12.26
CA LYS A 563 -19.57 25.78 -11.07
C LYS A 563 -20.97 26.25 -10.75
N LYS A 564 -21.81 26.36 -11.78
CA LYS A 564 -23.17 26.84 -11.58
C LYS A 564 -24.25 25.90 -12.13
N GLN A 565 -25.38 25.85 -11.43
CA GLN A 565 -26.50 25.01 -11.83
C GLN A 565 -26.89 25.17 -13.29
N GLU A 566 -26.76 26.39 -13.79
CA GLU A 566 -27.11 26.68 -15.18
C GLU A 566 -26.20 26.08 -16.23
N GLU A 567 -25.21 25.30 -15.82
CA GLU A 567 -24.31 24.69 -16.80
C GLU A 567 -24.17 23.19 -16.58
N LEU A 568 -24.82 22.68 -15.54
CA LEU A 568 -24.75 21.28 -15.20
C LEU A 568 -25.25 20.33 -16.29
N ASP A 569 -26.49 20.53 -16.72
CA ASP A 569 -27.09 19.66 -17.74
C ASP A 569 -26.24 19.51 -18.99
N ALA A 570 -25.72 20.60 -19.53
CA ALA A 570 -24.91 20.54 -20.74
C ALA A 570 -23.61 19.77 -20.51
N LYS A 571 -22.95 20.05 -19.39
CA LYS A 571 -21.70 19.38 -19.06
C LYS A 571 -21.90 17.88 -18.83
N LEU A 572 -23.00 17.52 -18.18
CA LEU A 572 -23.27 16.09 -17.94
C LEU A 572 -23.39 15.36 -19.27
N LYS A 573 -24.09 15.97 -20.22
CA LYS A 573 -24.28 15.36 -21.53
C LYS A 573 -22.96 15.26 -22.28
N GLU A 574 -22.14 16.31 -22.24
CA GLU A 574 -20.85 16.28 -22.92
C GLU A 574 -19.95 15.24 -22.27
N PHE A 575 -19.99 15.21 -20.94
CA PHE A 575 -19.21 14.27 -20.13
C PHE A 575 -19.46 12.85 -20.62
N VAL A 576 -20.71 12.42 -20.59
CA VAL A 576 -21.10 11.08 -21.01
C VAL A 576 -20.89 10.80 -22.50
N SER A 577 -20.97 11.86 -23.31
CA SER A 577 -20.83 11.72 -24.75
C SER A 577 -19.40 11.73 -25.28
N THR A 578 -18.47 12.24 -24.49
CA THR A 578 -17.09 12.30 -24.91
C THR A 578 -16.50 10.93 -25.20
N LYS A 579 -15.79 10.83 -26.31
CA LYS A 579 -15.16 9.58 -26.67
C LYS A 579 -13.82 9.65 -25.96
N GLY A 580 -13.41 8.57 -25.31
CA GLY A 580 -12.14 8.58 -24.61
C GLY A 580 -12.32 8.88 -23.13
N PRO A 581 -11.25 8.76 -22.32
CA PRO A 581 -11.38 9.05 -20.89
C PRO A 581 -11.63 10.53 -20.67
N VAL A 582 -12.46 10.87 -19.69
CA VAL A 582 -12.75 12.27 -19.41
C VAL A 582 -13.04 12.46 -17.93
N LEU A 583 -12.65 13.62 -17.41
CA LEU A 583 -12.88 13.94 -16.00
C LEU A 583 -13.75 15.18 -15.91
N LEU A 584 -14.79 15.10 -15.09
CA LEU A 584 -15.69 16.22 -14.88
C LEU A 584 -15.77 16.52 -13.40
N GLU A 585 -15.35 17.73 -13.02
CA GLU A 585 -15.44 18.14 -11.63
C GLU A 585 -16.67 19.02 -11.48
N VAL A 586 -17.49 18.74 -10.47
CA VAL A 586 -18.67 19.53 -10.22
C VAL A 586 -18.53 20.15 -8.84
N GLU A 587 -18.37 21.47 -8.78
CA GLU A 587 -18.26 22.13 -7.49
C GLU A 587 -19.62 21.97 -6.83
N VAL A 588 -19.61 21.30 -5.69
CA VAL A 588 -20.84 21.01 -4.98
C VAL A 588 -20.92 21.66 -3.59
N ASP A 589 -22.15 21.82 -3.10
CA ASP A 589 -22.42 22.43 -1.80
C ASP A 589 -21.69 21.70 -0.67
N LYS A 590 -21.08 22.48 0.23
CA LYS A 590 -20.34 21.93 1.36
C LYS A 590 -21.07 20.77 2.03
N LYS A 591 -20.30 19.87 2.65
CA LYS A 591 -20.84 18.69 3.33
C LYS A 591 -21.79 19.01 4.47
N GLU B 25 3.72 11.64 45.17
CA GLU B 25 4.37 10.33 45.48
C GLU B 25 4.82 9.58 44.23
N PRO B 26 6.10 9.17 44.19
CA PRO B 26 6.65 8.42 43.04
C PRO B 26 5.96 7.09 42.74
N ASP B 27 5.07 6.66 43.64
CA ASP B 27 4.36 5.40 43.44
C ASP B 27 3.37 5.52 42.29
N MET B 28 2.29 6.24 42.56
CA MET B 28 1.25 6.46 41.57
C MET B 28 1.34 7.84 40.94
N ASP B 29 0.86 7.95 39.70
CA ASP B 29 0.85 9.22 38.99
C ASP B 29 -0.63 9.56 38.85
N THR B 30 -0.98 10.80 39.14
CA THR B 30 -2.38 11.19 39.07
C THR B 30 -2.61 12.33 38.08
N SER B 31 -1.54 12.79 37.45
CA SER B 31 -1.59 13.89 36.50
C SER B 31 -2.49 13.65 35.28
N PHE B 32 -2.78 12.40 34.97
CA PHE B 32 -3.62 12.09 33.81
C PHE B 32 -5.06 11.78 34.20
N VAL B 33 -5.35 11.71 35.50
CA VAL B 33 -6.71 11.41 35.91
C VAL B 33 -7.62 12.54 35.44
N GLY B 34 -8.69 12.17 34.72
CA GLY B 34 -9.62 13.16 34.23
C GLY B 34 -9.47 13.45 32.74
N LEU B 35 -8.32 13.08 32.18
CA LEU B 35 -8.05 13.29 30.76
C LEU B 35 -8.60 12.17 29.89
N THR B 36 -8.67 12.43 28.59
CA THR B 36 -9.13 11.40 27.64
C THR B 36 -7.87 10.79 27.05
N GLY B 37 -8.02 9.62 26.45
CA GLY B 37 -6.88 8.97 25.83
C GLY B 37 -6.18 9.92 24.88
N GLY B 38 -6.97 10.67 24.12
CA GLY B 38 -6.43 11.62 23.17
C GLY B 38 -5.54 12.68 23.79
N GLN B 39 -5.94 13.22 24.94
CA GLN B 39 -5.14 14.24 25.60
C GLN B 39 -3.91 13.59 26.22
N ILE B 40 -4.08 12.37 26.71
CA ILE B 40 -2.97 11.65 27.31
C ILE B 40 -1.94 11.42 26.20
N PHE B 41 -2.42 10.97 25.04
CA PHE B 41 -1.56 10.73 23.89
C PHE B 41 -0.78 12.01 23.61
N ASN B 42 -1.51 13.11 23.58
CA ASN B 42 -0.95 14.43 23.32
C ASN B 42 0.18 14.72 24.33
N GLU B 43 -0.10 14.49 25.61
CA GLU B 43 0.88 14.72 26.65
C GLU B 43 2.09 13.80 26.50
N MET B 44 1.85 12.55 26.15
CA MET B 44 2.95 11.60 25.99
C MET B 44 3.88 12.02 24.84
N MET B 45 3.32 12.53 23.75
CA MET B 45 4.16 12.97 22.64
C MET B 45 5.12 14.05 23.12
N SER B 46 4.63 14.97 23.95
CA SER B 46 5.47 16.03 24.48
C SER B 46 6.60 15.46 25.33
N ARG B 47 6.27 14.49 26.19
CA ARG B 47 7.29 13.88 27.04
C ARG B 47 8.33 13.15 26.19
N GLN B 48 7.94 12.76 24.98
CA GLN B 48 8.85 12.07 24.07
C GLN B 48 9.57 13.04 23.13
N ASN B 49 9.37 14.34 23.35
CA ASN B 49 9.99 15.37 22.53
C ASN B 49 9.58 15.32 21.07
N VAL B 50 8.31 14.98 20.85
CA VAL B 50 7.76 14.91 19.51
C VAL B 50 7.08 16.23 19.18
N ASP B 51 7.46 16.84 18.06
CA ASP B 51 6.83 18.09 17.65
C ASP B 51 6.26 17.96 16.23
N THR B 52 6.49 16.82 15.61
CA THR B 52 6.02 16.58 14.26
C THR B 52 5.31 15.22 14.15
N VAL B 53 4.17 15.21 13.49
CA VAL B 53 3.42 13.99 13.31
C VAL B 53 2.87 13.95 11.89
N PHE B 54 3.07 12.81 11.21
CA PHE B 54 2.58 12.64 9.86
C PHE B 54 1.40 11.68 9.92
N GLY B 55 0.30 12.05 9.31
CA GLY B 55 -0.87 11.18 9.35
C GLY B 55 -2.05 11.61 8.52
N TYR B 56 -3.10 10.81 8.55
CA TYR B 56 -4.32 11.04 7.78
C TYR B 56 -5.51 10.66 8.67
N PRO B 57 -6.57 11.47 8.67
CA PRO B 57 -7.76 11.22 9.49
C PRO B 57 -8.63 10.02 9.10
N GLY B 58 -9.41 9.58 10.08
CA GLY B 58 -10.32 8.46 9.91
C GLY B 58 -11.14 8.31 11.17
N GLY B 59 -12.31 7.71 11.05
CA GLY B 59 -13.19 7.53 12.20
C GLY B 59 -12.60 6.87 13.44
N ALA B 60 -11.90 5.77 13.27
CA ALA B 60 -11.34 5.04 14.40
C ALA B 60 -10.25 5.79 15.17
N ILE B 61 -9.51 6.67 14.49
CA ILE B 61 -8.43 7.38 15.15
C ILE B 61 -8.82 8.82 15.52
N LEU B 62 -10.08 9.16 15.26
CA LEU B 62 -10.60 10.50 15.53
C LEU B 62 -10.21 11.09 16.90
N PRO B 63 -10.45 10.35 18.00
CA PRO B 63 -10.11 10.86 19.33
C PRO B 63 -8.67 11.37 19.43
N VAL B 64 -7.72 10.63 18.86
CA VAL B 64 -6.32 11.04 18.91
C VAL B 64 -6.04 12.12 17.87
N TYR B 65 -6.59 11.94 16.67
CA TYR B 65 -6.38 12.88 15.59
C TYR B 65 -6.79 14.28 16.02
N ASP B 66 -8.01 14.42 16.56
CA ASP B 66 -8.48 15.72 16.98
C ASP B 66 -7.56 16.35 18.03
N ALA B 67 -7.11 15.55 18.98
CA ALA B 67 -6.22 16.06 20.02
C ALA B 67 -4.93 16.60 19.43
N ILE B 68 -4.29 15.85 18.53
CA ILE B 68 -3.03 16.26 17.91
C ILE B 68 -3.22 17.40 16.90
N HIS B 69 -4.22 17.25 16.05
CA HIS B 69 -4.51 18.23 15.01
C HIS B 69 -4.92 19.60 15.57
N ASN B 70 -5.54 19.61 16.75
CA ASN B 70 -5.97 20.86 17.35
C ASN B 70 -4.93 21.52 18.24
N SER B 71 -3.84 20.81 18.53
CA SER B 71 -2.79 21.38 19.38
C SER B 71 -1.75 22.11 18.54
N ASP B 72 -1.34 23.27 19.01
CA ASP B 72 -0.33 24.04 18.31
C ASP B 72 1.05 23.60 18.76
N LYS B 73 1.07 22.59 19.65
CA LYS B 73 2.34 22.04 20.16
C LYS B 73 2.94 21.10 19.13
N PHE B 74 2.14 20.71 18.14
CA PHE B 74 2.62 19.79 17.12
C PHE B 74 2.33 20.26 15.71
N ASN B 75 3.24 19.94 14.81
CA ASN B 75 3.08 20.27 13.41
C ASN B 75 2.56 19.00 12.74
N PHE B 76 1.28 18.99 12.39
CA PHE B 76 0.68 17.82 11.75
C PHE B 76 0.79 17.94 10.22
N VAL B 77 1.55 17.03 9.61
CA VAL B 77 1.74 17.03 8.17
C VAL B 77 0.79 16.04 7.50
N LEU B 78 -0.02 16.54 6.59
CA LEU B 78 -1.00 15.73 5.87
C LEU B 78 -0.59 15.35 4.46
N PRO B 79 -0.56 14.05 4.17
CA PRO B 79 -0.19 13.59 2.83
C PRO B 79 -1.50 13.38 2.09
N LYS B 80 -1.45 12.83 0.88
CA LYS B 80 -2.69 12.57 0.18
C LYS B 80 -3.00 11.07 0.26
N HIS B 81 -2.01 10.30 0.70
CA HIS B 81 -2.13 8.85 0.83
C HIS B 81 -1.28 8.45 2.04
N GLU B 82 -1.79 7.56 2.89
CA GLU B 82 -1.05 7.16 4.07
C GLU B 82 0.37 6.70 3.79
N GLN B 83 0.60 6.07 2.64
CA GLN B 83 1.95 5.63 2.33
C GLN B 83 2.85 6.86 2.35
N GLY B 84 2.34 7.99 1.86
CA GLY B 84 3.10 9.22 1.85
C GLY B 84 3.50 9.57 3.27
N ALA B 85 2.55 9.47 4.19
CA ALA B 85 2.83 9.77 5.59
C ALA B 85 4.01 8.93 6.09
N GLY B 86 3.97 7.64 5.80
CA GLY B 86 5.03 6.74 6.24
C GLY B 86 6.40 7.07 5.68
N HIS B 87 6.49 7.35 4.38
CA HIS B 87 7.78 7.67 3.80
C HIS B 87 8.23 9.06 4.25
N MET B 88 7.28 9.95 4.47
CA MET B 88 7.62 11.29 4.94
C MET B 88 8.27 11.14 6.31
N ALA B 89 7.69 10.27 7.13
CA ALA B 89 8.21 10.02 8.46
C ALA B 89 9.63 9.44 8.40
N GLU B 90 9.89 8.59 7.42
CA GLU B 90 11.23 8.01 7.29
C GLU B 90 12.22 9.10 6.93
N GLY B 91 11.85 9.96 5.98
CA GLY B 91 12.74 11.03 5.58
C GLY B 91 13.04 11.93 6.77
N TYR B 92 11.98 12.21 7.53
CA TYR B 92 12.09 13.06 8.71
C TYR B 92 13.08 12.47 9.70
N ALA B 93 12.95 11.18 9.98
CA ALA B 93 13.81 10.50 10.93
C ALA B 93 15.28 10.48 10.51
N ARG B 94 15.53 10.12 9.25
CA ARG B 94 16.89 10.05 8.77
C ARG B 94 17.61 11.39 8.72
N ALA B 95 16.85 12.47 8.52
CA ALA B 95 17.46 13.80 8.45
C ALA B 95 17.58 14.47 9.82
N SER B 96 16.76 14.03 10.77
CA SER B 96 16.75 14.64 12.10
C SER B 96 17.39 13.82 13.21
N GLY B 97 17.31 12.49 13.10
CA GLY B 97 17.87 11.64 14.15
C GLY B 97 16.79 11.28 15.17
N LYS B 98 15.61 11.86 14.99
CA LYS B 98 14.47 11.61 15.88
C LYS B 98 13.55 10.58 15.25
N PRO B 99 12.72 9.91 16.06
CA PRO B 99 11.83 8.90 15.46
C PRO B 99 10.70 9.57 14.66
N GLY B 100 10.28 8.90 13.58
CA GLY B 100 9.20 9.44 12.77
C GLY B 100 7.88 8.95 13.33
N VAL B 101 6.97 9.86 13.65
CA VAL B 101 5.68 9.46 14.21
C VAL B 101 4.57 9.50 13.16
N VAL B 102 3.88 8.38 13.00
CA VAL B 102 2.80 8.25 12.02
C VAL B 102 1.46 7.95 12.70
N LEU B 103 0.42 8.64 12.25
CA LEU B 103 -0.91 8.47 12.82
C LEU B 103 -1.92 8.22 11.70
N VAL B 104 -2.54 7.05 11.71
CA VAL B 104 -3.50 6.69 10.68
C VAL B 104 -4.73 5.99 11.26
N THR B 105 -5.76 5.86 10.47
CA THR B 105 -6.98 5.22 10.92
C THR B 105 -6.90 3.71 10.72
N SER B 106 -7.99 3.01 11.01
CA SER B 106 -8.08 1.55 10.88
C SER B 106 -8.24 1.06 9.45
N GLY B 107 -8.21 -0.27 9.29
CA GLY B 107 -8.38 -0.88 7.98
C GLY B 107 -7.41 -0.39 6.90
N PRO B 108 -7.94 0.28 5.86
CA PRO B 108 -7.12 0.79 4.75
C PRO B 108 -6.05 1.79 5.20
N GLY B 109 -6.32 2.49 6.28
CA GLY B 109 -5.34 3.45 6.78
C GLY B 109 -4.11 2.71 7.28
N ALA B 110 -4.35 1.61 7.98
CA ALA B 110 -3.27 0.79 8.51
C ALA B 110 -2.58 0.00 7.40
N THR B 111 -3.35 -0.62 6.51
CA THR B 111 -2.72 -1.39 5.45
C THR B 111 -1.93 -0.53 4.48
N ASN B 112 -2.28 0.74 4.33
CA ASN B 112 -1.54 1.62 3.42
C ASN B 112 -0.17 2.02 3.98
N VAL B 113 0.13 1.73 5.24
CA VAL B 113 1.44 2.07 5.77
C VAL B 113 2.33 0.85 5.93
N VAL B 114 1.90 -0.29 5.40
CA VAL B 114 2.70 -1.50 5.50
C VAL B 114 4.02 -1.40 4.74
N THR B 115 4.00 -0.88 3.52
CA THR B 115 5.23 -0.74 2.76
C THR B 115 6.23 0.15 3.50
N PRO B 116 5.79 1.32 3.99
CA PRO B 116 6.74 2.18 4.72
C PRO B 116 7.31 1.49 5.96
N MET B 117 6.51 0.67 6.63
CA MET B 117 7.01 -0.03 7.82
C MET B 117 8.03 -1.08 7.38
N ALA B 118 7.72 -1.80 6.31
CA ALA B 118 8.65 -2.81 5.81
C ALA B 118 9.94 -2.11 5.36
N ASP B 119 9.79 -0.93 4.76
CA ASP B 119 10.94 -0.17 4.31
C ASP B 119 11.80 0.25 5.48
N ALA B 120 11.17 0.84 6.50
CA ALA B 120 11.90 1.30 7.68
C ALA B 120 12.53 0.11 8.42
N PHE B 121 11.86 -1.03 8.38
CA PHE B 121 12.35 -2.23 9.03
C PHE B 121 13.67 -2.72 8.40
N ALA B 122 13.73 -2.69 7.08
CA ALA B 122 14.90 -3.15 6.36
C ALA B 122 16.09 -2.19 6.52
N ASP B 123 15.82 -0.89 6.59
CA ASP B 123 16.90 0.07 6.73
C ASP B 123 17.18 0.49 8.17
N GLY B 124 16.52 -0.15 9.14
CA GLY B 124 16.73 0.22 10.53
C GLY B 124 16.46 1.68 10.83
N ILE B 125 15.25 2.14 10.49
CA ILE B 125 14.87 3.54 10.71
C ILE B 125 13.84 3.60 11.82
N PRO B 126 14.07 4.46 12.83
CA PRO B 126 13.14 4.59 13.96
C PRO B 126 11.83 5.22 13.52
N MET B 127 10.73 4.51 13.77
CA MET B 127 9.40 4.98 13.38
C MET B 127 8.36 4.42 14.34
N VAL B 128 7.45 5.27 14.80
CA VAL B 128 6.39 4.82 15.69
C VAL B 128 5.07 5.05 14.97
N VAL B 129 4.41 3.96 14.63
CA VAL B 129 3.14 3.99 13.91
C VAL B 129 1.96 3.74 14.84
N PHE B 130 1.03 4.69 14.87
CA PHE B 130 -0.17 4.56 15.69
C PHE B 130 -1.36 4.37 14.75
N THR B 131 -2.08 3.26 14.92
CA THR B 131 -3.22 2.97 14.06
C THR B 131 -4.52 2.87 14.83
N GLY B 132 -5.54 3.58 14.35
CA GLY B 132 -6.84 3.53 14.99
C GLY B 132 -7.37 2.13 14.80
N GLN B 133 -8.22 1.68 15.70
CA GLN B 133 -8.79 0.35 15.62
C GLN B 133 -10.25 0.40 16.07
N VAL B 134 -11.03 -0.59 15.64
CA VAL B 134 -12.43 -0.67 16.04
C VAL B 134 -12.44 -0.90 17.55
N PRO B 135 -13.57 -0.64 18.22
CA PRO B 135 -13.68 -0.82 19.67
C PRO B 135 -13.24 -2.22 20.11
N THR B 136 -12.62 -2.30 21.28
CA THR B 136 -12.17 -3.59 21.82
C THR B 136 -13.29 -4.60 21.83
N SER B 137 -14.50 -4.14 22.13
CA SER B 137 -15.65 -5.02 22.19
C SER B 137 -16.02 -5.60 20.83
N ALA B 138 -15.52 -4.97 19.76
CA ALA B 138 -15.81 -5.42 18.41
C ALA B 138 -14.72 -6.28 17.77
N ILE B 139 -13.54 -6.30 18.39
CA ILE B 139 -12.43 -7.08 17.86
C ILE B 139 -12.84 -8.53 17.58
N GLY B 140 -12.56 -8.99 16.37
CA GLY B 140 -12.90 -10.36 16.01
C GLY B 140 -14.35 -10.60 15.68
N THR B 141 -15.00 -9.66 15.00
CA THR B 141 -16.40 -9.82 14.63
C THR B 141 -16.60 -9.36 13.19
N ASP B 142 -15.48 -9.18 12.49
CA ASP B 142 -15.50 -8.72 11.11
C ASP B 142 -16.20 -7.38 10.98
N ALA B 143 -15.92 -6.50 11.94
CA ALA B 143 -16.50 -5.17 11.97
C ALA B 143 -15.95 -4.35 10.81
N PHE B 144 -16.66 -3.28 10.47
CA PHE B 144 -16.24 -2.41 9.38
C PHE B 144 -14.83 -1.87 9.61
N GLN B 145 -13.99 -1.99 8.58
CA GLN B 145 -12.60 -1.53 8.63
C GLN B 145 -11.76 -2.14 9.75
N GLU B 146 -12.08 -3.37 10.12
CA GLU B 146 -11.33 -4.08 11.15
C GLU B 146 -10.28 -4.93 10.44
N ALA B 147 -9.04 -4.80 10.87
CA ALA B 147 -7.95 -5.56 10.28
C ALA B 147 -7.02 -6.03 11.36
N ASP B 148 -6.47 -7.23 11.19
CA ASP B 148 -5.55 -7.78 12.17
C ASP B 148 -4.18 -7.13 11.92
N VAL B 149 -4.13 -5.82 12.17
CA VAL B 149 -2.92 -5.03 11.96
C VAL B 149 -1.71 -5.57 12.74
N VAL B 150 -1.94 -6.02 13.97
CA VAL B 150 -0.86 -6.58 14.78
C VAL B 150 -0.28 -7.80 14.05
N GLY B 151 -1.15 -8.58 13.41
CA GLY B 151 -0.72 -9.76 12.68
C GLY B 151 -0.06 -9.39 11.36
N ILE B 152 -0.66 -8.46 10.63
CA ILE B 152 -0.14 -8.02 9.34
C ILE B 152 1.27 -7.41 9.44
N SER B 153 1.49 -6.63 10.50
CA SER B 153 2.76 -5.95 10.67
C SER B 153 3.76 -6.65 11.59
N ARG B 154 3.49 -7.90 11.94
CA ARG B 154 4.38 -8.63 12.84
C ARG B 154 5.79 -8.80 12.26
N SER B 155 5.90 -9.19 10.99
CA SER B 155 7.21 -9.40 10.38
C SER B 155 7.93 -8.12 9.93
N CYS B 156 7.23 -6.98 9.92
CA CYS B 156 7.89 -5.75 9.51
C CYS B 156 7.99 -4.69 10.60
N THR B 157 7.98 -5.13 11.87
CA THR B 157 8.14 -4.23 13.00
C THR B 157 8.99 -4.94 14.04
N LYS B 158 9.73 -4.17 14.83
CA LYS B 158 10.56 -4.75 15.89
C LYS B 158 9.64 -5.25 16.99
N TRP B 159 8.47 -4.61 17.09
CA TRP B 159 7.51 -4.94 18.14
C TRP B 159 6.20 -4.22 17.84
N ASN B 160 5.09 -4.80 18.28
CA ASN B 160 3.79 -4.14 18.12
C ASN B 160 2.88 -4.57 19.27
N VAL B 161 1.74 -3.90 19.40
CA VAL B 161 0.82 -4.19 20.49
C VAL B 161 -0.49 -3.47 20.28
N MET B 162 -1.54 -3.93 20.95
CA MET B 162 -2.85 -3.30 20.88
C MET B 162 -3.17 -2.84 22.31
N VAL B 163 -3.30 -1.55 22.52
CA VAL B 163 -3.61 -1.03 23.84
C VAL B 163 -5.00 -1.52 24.20
N LYS B 164 -5.12 -2.16 25.36
CA LYS B 164 -6.40 -2.73 25.81
C LYS B 164 -7.24 -1.80 26.68
N SER B 165 -6.62 -0.77 27.26
CA SER B 165 -7.35 0.16 28.11
C SER B 165 -6.58 1.47 28.24
N VAL B 166 -7.28 2.54 28.59
CA VAL B 166 -6.62 3.84 28.71
C VAL B 166 -5.51 3.90 29.78
N GLU B 167 -5.60 3.09 30.82
CA GLU B 167 -4.57 3.09 31.87
C GLU B 167 -3.25 2.60 31.31
N GLU B 168 -3.36 1.73 30.30
CA GLU B 168 -2.22 1.10 29.64
C GLU B 168 -1.56 1.98 28.55
N LEU B 169 -2.28 3.02 28.11
CA LEU B 169 -1.78 3.90 27.05
C LEU B 169 -0.40 4.51 27.26
N PRO B 170 -0.17 5.18 28.40
CA PRO B 170 1.17 5.77 28.60
C PRO B 170 2.27 4.72 28.51
N LEU B 171 2.05 3.58 29.16
CA LEU B 171 3.03 2.48 29.17
C LEU B 171 3.43 2.03 27.76
N ARG B 172 2.44 1.68 26.95
CA ARG B 172 2.71 1.24 25.59
C ARG B 172 3.43 2.30 24.76
N ILE B 173 3.04 3.56 24.92
CA ILE B 173 3.71 4.62 24.17
C ILE B 173 5.19 4.67 24.54
N ASN B 174 5.50 4.68 25.83
CA ASN B 174 6.90 4.73 26.24
C ASN B 174 7.69 3.52 25.75
N GLU B 175 7.07 2.34 25.79
CA GLU B 175 7.74 1.13 25.32
C GLU B 175 8.02 1.23 23.83
N ALA B 176 7.01 1.71 23.09
CA ALA B 176 7.11 1.88 21.65
C ALA B 176 8.31 2.74 21.28
N PHE B 177 8.45 3.89 21.94
CA PHE B 177 9.57 4.78 21.64
C PHE B 177 10.90 4.20 22.08
N GLU B 178 10.90 3.47 23.19
CA GLU B 178 12.15 2.88 23.66
C GLU B 178 12.66 1.84 22.65
N ILE B 179 11.77 0.93 22.23
CA ILE B 179 12.16 -0.10 21.30
C ILE B 179 12.53 0.44 19.92
N ALA B 180 11.77 1.40 19.41
CA ALA B 180 12.04 1.97 18.10
C ALA B 180 13.41 2.64 18.03
N THR B 181 13.87 3.19 19.15
CA THR B 181 15.14 3.91 19.14
C THR B 181 16.35 3.25 19.78
N SER B 182 16.22 2.00 20.22
CA SER B 182 17.35 1.29 20.83
C SER B 182 17.83 0.15 19.94
N GLY B 183 19.00 -0.42 20.27
CA GLY B 183 19.56 -1.50 19.47
C GLY B 183 19.66 -1.00 18.04
N ARG B 184 19.21 -1.81 17.09
CA ARG B 184 19.19 -1.35 15.72
C ARG B 184 17.83 -0.66 15.64
N PRO B 185 17.81 0.65 15.35
CA PRO B 185 16.53 1.35 15.27
C PRO B 185 15.58 0.66 14.28
N GLY B 186 14.28 0.85 14.49
CA GLY B 186 13.31 0.24 13.60
C GLY B 186 11.90 0.70 13.86
N PRO B 187 10.93 0.23 13.08
CA PRO B 187 9.53 0.62 13.27
C PRO B 187 8.79 -0.24 14.30
N VAL B 188 7.87 0.38 15.02
CA VAL B 188 7.05 -0.32 15.98
C VAL B 188 5.64 0.18 15.71
N LEU B 189 4.64 -0.64 16.01
CA LEU B 189 3.27 -0.27 15.78
C LEU B 189 2.43 -0.41 17.05
N VAL B 190 1.56 0.56 17.29
CA VAL B 190 0.69 0.56 18.46
C VAL B 190 -0.74 0.71 17.99
N ASP B 191 -1.52 -0.37 18.12
CA ASP B 191 -2.92 -0.39 17.69
C ASP B 191 -3.81 0.25 18.77
N LEU B 192 -4.52 1.31 18.40
CA LEU B 192 -5.38 2.05 19.34
C LEU B 192 -6.89 1.91 19.13
N PRO B 193 -7.55 1.07 19.93
CA PRO B 193 -9.01 0.92 19.79
C PRO B 193 -9.70 2.24 20.11
N LYS B 194 -10.73 2.56 19.33
CA LYS B 194 -11.48 3.81 19.52
C LYS B 194 -12.00 4.03 20.93
N ASP B 195 -12.61 3.01 21.53
CA ASP B 195 -13.15 3.14 22.88
C ASP B 195 -12.07 3.45 23.90
N VAL B 196 -10.86 2.97 23.64
CA VAL B 196 -9.74 3.21 24.54
C VAL B 196 -9.26 4.65 24.49
N THR B 197 -9.11 5.21 23.29
CA THR B 197 -8.62 6.58 23.17
C THR B 197 -9.69 7.64 23.51
N ALA B 198 -10.96 7.24 23.43
CA ALA B 198 -12.06 8.15 23.72
C ALA B 198 -12.44 8.11 25.21
N ALA B 199 -11.95 7.10 25.93
CA ALA B 199 -12.25 6.95 27.34
C ALA B 199 -11.52 7.97 28.18
N ILE B 200 -12.01 8.17 29.40
CA ILE B 200 -11.40 9.09 30.35
C ILE B 200 -10.76 8.29 31.48
N LEU B 201 -9.51 8.60 31.79
CA LEU B 201 -8.80 7.90 32.84
C LEU B 201 -9.41 8.23 34.21
N ARG B 202 -9.95 7.20 34.87
CA ARG B 202 -10.57 7.38 36.16
C ARG B 202 -9.67 7.06 37.35
N ASN B 203 -8.79 6.08 37.17
CA ASN B 203 -7.89 5.64 38.24
C ASN B 203 -6.43 6.04 38.05
N PRO B 204 -5.67 6.14 39.13
CA PRO B 204 -4.24 6.51 39.00
C PRO B 204 -3.45 5.32 38.45
N ILE B 205 -2.28 5.58 37.89
CA ILE B 205 -1.44 4.53 37.34
C ILE B 205 -0.01 4.71 37.82
N PRO B 206 0.76 3.62 37.91
CA PRO B 206 2.14 3.72 38.38
C PRO B 206 3.05 4.67 37.59
N THR B 207 3.73 5.53 38.31
CA THR B 207 4.63 6.51 37.72
C THR B 207 5.62 5.86 36.77
N LYS B 208 6.00 4.62 37.07
CA LYS B 208 6.95 3.91 36.24
C LYS B 208 6.45 3.79 34.79
N THR B 209 5.14 3.61 34.64
CA THR B 209 4.53 3.47 33.32
C THR B 209 4.32 4.77 32.56
N THR B 210 4.52 5.90 33.21
CA THR B 210 4.34 7.20 32.55
C THR B 210 5.64 7.91 32.27
N LEU B 211 6.73 7.43 32.86
CA LEU B 211 8.02 8.05 32.65
C LEU B 211 8.76 7.41 31.48
N PRO B 212 9.22 8.23 30.53
CA PRO B 212 9.93 7.74 29.36
C PRO B 212 11.12 6.86 29.72
N SER B 213 11.18 5.68 29.11
CA SER B 213 12.24 4.71 29.34
C SER B 213 13.51 5.12 28.59
N ASN B 214 14.08 6.25 29.01
CA ASN B 214 15.29 6.78 28.37
C ASN B 214 16.54 5.98 28.73
N ALA B 215 17.70 6.59 28.49
CA ALA B 215 18.99 5.96 28.77
C ALA B 215 19.98 7.01 29.28
N LEU B 219 23.47 2.89 33.14
CA LEU B 219 24.70 2.56 33.84
C LEU B 219 24.94 1.05 33.88
N THR B 220 26.18 0.64 33.69
CA THR B 220 26.53 -0.77 33.69
C THR B 220 27.37 -1.16 34.91
N SER B 221 27.73 -2.44 34.99
CA SER B 221 28.52 -2.96 36.11
C SER B 221 29.95 -3.31 35.68
N ARG B 222 30.77 -3.72 36.64
CA ARG B 222 32.15 -4.09 36.36
C ARG B 222 32.18 -5.36 35.51
N ALA B 223 31.11 -6.14 35.56
CA ALA B 223 31.00 -7.38 34.79
C ALA B 223 30.72 -7.07 33.32
N GLN B 224 30.07 -5.94 33.08
CA GLN B 224 29.73 -5.51 31.73
C GLN B 224 30.88 -4.69 31.14
N ASP B 225 31.45 -3.82 31.96
CA ASP B 225 32.57 -2.98 31.53
C ASP B 225 33.78 -3.81 31.12
N GLU B 226 34.04 -4.88 31.87
CA GLU B 226 35.19 -5.75 31.59
C GLU B 226 35.01 -6.55 30.31
N PHE B 227 33.87 -7.22 30.16
CA PHE B 227 33.61 -8.02 28.97
C PHE B 227 33.83 -7.26 27.67
N VAL B 228 33.33 -6.03 27.63
CA VAL B 228 33.46 -5.19 26.44
C VAL B 228 34.90 -4.73 26.27
N MET B 229 35.42 -4.08 27.30
CA MET B 229 36.80 -3.57 27.30
C MET B 229 37.76 -4.66 26.82
N GLN B 230 37.47 -5.91 27.20
CA GLN B 230 38.29 -7.06 26.83
C GLN B 230 38.42 -7.15 25.31
N SER B 231 37.27 -7.21 24.63
CA SER B 231 37.25 -7.29 23.17
C SER B 231 37.77 -6.02 22.50
N ILE B 232 37.63 -4.89 23.21
CA ILE B 232 38.09 -3.61 22.69
C ILE B 232 39.61 -3.60 22.58
N ASN B 233 40.28 -4.15 23.58
CA ASN B 233 41.74 -4.19 23.60
C ASN B 233 42.26 -5.23 22.61
N LYS B 234 41.68 -6.43 22.65
CA LYS B 234 42.09 -7.49 21.74
C LYS B 234 42.04 -6.95 20.32
N ALA B 235 41.00 -6.19 20.03
CA ALA B 235 40.82 -5.59 18.71
C ALA B 235 41.82 -4.45 18.51
N ALA B 236 41.96 -3.61 19.53
CA ALA B 236 42.89 -2.49 19.47
C ALA B 236 44.31 -2.96 19.13
N ASP B 237 44.62 -4.20 19.51
CA ASP B 237 45.95 -4.75 19.23
C ASP B 237 46.07 -5.14 17.76
N LEU B 238 45.22 -6.06 17.33
CA LEU B 238 45.23 -6.52 15.96
C LEU B 238 45.24 -5.35 14.98
N ILE B 239 44.85 -4.19 15.47
CA ILE B 239 44.83 -2.98 14.65
C ILE B 239 46.25 -2.43 14.50
N ASN B 240 46.75 -1.79 15.56
CA ASN B 240 48.10 -1.22 15.55
C ASN B 240 49.10 -2.17 14.89
N LEU B 241 49.03 -3.43 15.26
CA LEU B 241 49.93 -4.46 14.74
C LEU B 241 49.50 -4.90 13.33
N ALA B 242 49.40 -3.93 12.42
CA ALA B 242 49.00 -4.23 11.04
C ALA B 242 49.12 -3.01 10.14
N LYS B 243 49.20 -3.25 8.83
CA LYS B 243 49.32 -2.17 7.87
C LYS B 243 48.24 -2.27 6.79
N PRO B 245 45.65 -1.20 7.03
CA PRO B 245 44.28 -1.55 7.41
C PRO B 245 43.26 -0.74 6.61
N VAL B 246 42.00 -1.15 6.64
CA VAL B 246 40.96 -0.44 5.90
C VAL B 246 39.65 -0.38 6.70
N LEU B 247 39.04 0.80 6.71
CA LEU B 247 37.77 0.99 7.41
C LEU B 247 36.57 0.74 6.51
N TYR B 248 35.75 -0.23 6.88
CA TYR B 248 34.54 -0.56 6.15
C TYR B 248 33.37 -0.08 7.00
N VAL B 249 33.01 1.19 6.82
CA VAL B 249 31.94 1.82 7.58
C VAL B 249 30.57 1.86 6.89
N GLY B 250 29.52 1.63 7.68
CA GLY B 250 28.17 1.64 7.14
C GLY B 250 27.21 2.53 7.91
N ALA B 251 25.91 2.35 7.65
CA ALA B 251 24.85 3.14 8.29
C ALA B 251 24.91 3.20 9.82
N GLY B 252 25.43 2.14 10.45
CA GLY B 252 25.52 2.10 11.90
C GLY B 252 26.22 3.28 12.56
N ILE B 253 27.23 3.82 11.88
CA ILE B 253 28.00 4.94 12.40
C ILE B 253 27.20 6.25 12.45
N LEU B 254 26.14 6.33 11.68
CA LEU B 254 25.31 7.54 11.67
C LEU B 254 24.22 7.52 12.72
N ASN B 255 24.13 6.43 13.49
CA ASN B 255 23.11 6.34 14.52
C ASN B 255 23.52 6.97 15.85
N HIS B 256 24.61 7.72 15.83
CA HIS B 256 25.10 8.43 17.00
C HIS B 256 25.57 9.79 16.51
N ALA B 257 25.16 10.85 17.19
CA ALA B 257 25.53 12.21 16.78
C ALA B 257 27.03 12.39 16.59
N ASP B 258 27.82 11.96 17.57
CA ASP B 258 29.27 12.11 17.49
C ASP B 258 29.90 10.88 16.83
N GLY B 259 29.13 10.24 15.95
CA GLY B 259 29.61 9.05 15.28
C GLY B 259 30.68 9.33 14.23
N PRO B 260 30.37 10.11 13.18
CA PRO B 260 31.35 10.41 12.15
C PRO B 260 32.59 11.15 12.67
N ARG B 261 32.38 12.01 13.67
CA ARG B 261 33.48 12.77 14.26
C ARG B 261 34.61 11.86 14.71
N LEU B 262 34.24 10.81 15.46
CA LEU B 262 35.23 9.86 15.95
C LEU B 262 35.73 8.97 14.81
N LEU B 263 35.01 8.94 13.70
CA LEU B 263 35.43 8.14 12.57
C LEU B 263 36.63 8.78 11.91
N LYS B 264 36.65 10.12 11.89
CA LYS B 264 37.75 10.85 11.29
C LYS B 264 38.98 10.71 12.17
N GLU B 265 38.80 10.92 13.48
CA GLU B 265 39.90 10.81 14.42
C GLU B 265 40.60 9.46 14.30
N LEU B 266 39.83 8.38 14.17
CA LEU B 266 40.39 7.04 14.05
C LEU B 266 41.07 6.79 12.71
N SER B 267 40.79 7.64 11.73
CA SER B 267 41.38 7.50 10.40
C SER B 267 42.64 8.36 10.33
N ASP B 268 42.62 9.48 11.06
CA ASP B 268 43.76 10.37 11.10
C ASP B 268 44.89 9.71 11.89
N ARG B 269 44.59 9.39 13.15
CA ARG B 269 45.56 8.75 14.03
C ARG B 269 46.40 7.68 13.35
N ALA B 270 45.77 6.56 12.99
CA ALA B 270 46.49 5.45 12.36
C ALA B 270 46.50 5.47 10.85
N GLN B 271 46.13 6.60 10.26
CA GLN B 271 46.10 6.73 8.80
C GLN B 271 45.47 5.50 8.16
N ILE B 272 44.14 5.43 8.20
CA ILE B 272 43.43 4.28 7.64
C ILE B 272 42.44 4.72 6.55
N PRO B 273 42.42 3.99 5.43
CA PRO B 273 41.53 4.26 4.29
C PRO B 273 40.07 3.98 4.68
N VAL B 274 39.18 4.93 4.39
CA VAL B 274 37.78 4.76 4.72
C VAL B 274 36.89 4.54 3.49
N THR B 275 36.14 3.44 3.51
CA THR B 275 35.21 3.11 2.44
C THR B 275 33.83 2.94 3.09
N THR B 276 32.78 3.38 2.41
CA THR B 276 31.42 3.28 2.95
C THR B 276 30.47 2.50 2.07
N THR B 277 29.43 1.96 2.68
CA THR B 277 28.42 1.23 1.94
C THR B 277 27.52 2.34 1.40
N LEU B 278 26.49 1.96 0.65
CA LEU B 278 25.56 2.95 0.11
C LEU B 278 24.98 3.75 1.27
N GLN B 279 24.53 3.05 2.31
CA GLN B 279 23.92 3.70 3.47
C GLN B 279 24.92 4.42 4.38
N GLY B 280 26.20 4.35 4.03
CA GLY B 280 27.21 5.02 4.83
C GLY B 280 27.59 6.34 4.21
N LEU B 281 27.23 6.55 2.95
CA LEU B 281 27.55 7.80 2.28
C LEU B 281 27.25 9.02 3.13
N GLY B 282 28.24 9.91 3.25
CA GLY B 282 28.08 11.12 4.03
C GLY B 282 28.68 11.00 5.41
N SER B 283 29.01 9.79 5.84
CA SER B 283 29.60 9.59 7.16
C SER B 283 31.06 10.03 7.17
N PHE B 284 31.66 10.08 5.99
CA PHE B 284 33.04 10.51 5.85
C PHE B 284 33.21 11.41 4.63
N ASP B 285 33.75 12.60 4.84
CA ASP B 285 33.96 13.56 3.76
C ASP B 285 34.83 12.98 2.66
N GLN B 286 34.25 12.85 1.47
CA GLN B 286 34.95 12.29 0.33
C GLN B 286 36.01 13.21 -0.25
N GLU B 287 36.25 14.34 0.41
CA GLU B 287 37.27 15.29 -0.04
C GLU B 287 38.61 14.81 0.50
N ASP B 288 38.61 14.34 1.75
CA ASP B 288 39.80 13.82 2.40
C ASP B 288 40.45 12.76 1.50
N PRO B 289 41.79 12.80 1.38
CA PRO B 289 42.56 11.87 0.55
C PRO B 289 42.44 10.40 0.92
N LYS B 290 41.93 10.11 2.12
CA LYS B 290 41.79 8.74 2.58
C LYS B 290 40.46 8.07 2.21
N SER B 291 39.63 8.78 1.47
CA SER B 291 38.33 8.24 1.06
C SER B 291 38.45 7.26 -0.10
N LEU B 292 38.02 6.02 0.14
CA LEU B 292 38.04 5.00 -0.90
C LEU B 292 36.66 5.06 -1.57
N ASP B 293 35.81 5.95 -1.05
CA ASP B 293 34.46 6.15 -1.54
C ASP B 293 33.55 4.94 -1.29
N MET B 294 32.61 4.70 -2.19
CA MET B 294 31.69 3.57 -1.99
C MET B 294 32.22 2.19 -2.36
N LEU B 295 31.79 1.20 -1.57
CA LEU B 295 32.18 -0.20 -1.73
C LEU B 295 31.02 -0.93 -2.41
N GLY B 296 31.14 -2.25 -2.58
CA GLY B 296 30.08 -3.02 -3.22
C GLY B 296 30.29 -3.15 -4.72
N MET B 297 29.40 -3.87 -5.41
CA MET B 297 29.53 -4.07 -6.85
C MET B 297 29.31 -2.78 -7.67
N HIS B 298 28.30 -1.98 -7.30
CA HIS B 298 28.05 -0.74 -8.04
C HIS B 298 28.92 0.38 -7.46
N GLY B 299 29.94 -0.01 -6.70
CA GLY B 299 30.82 0.97 -6.10
C GLY B 299 32.06 1.27 -6.91
N CYS B 300 32.95 2.06 -6.32
CA CYS B 300 34.21 2.44 -6.95
C CYS B 300 35.09 1.20 -6.97
N ALA B 301 35.63 0.86 -8.16
CA ALA B 301 36.48 -0.32 -8.30
C ALA B 301 37.66 -0.30 -7.34
N THR B 302 38.17 0.90 -7.06
CA THR B 302 39.30 1.06 -6.15
C THR B 302 39.03 0.43 -4.79
N ALA B 303 37.86 0.72 -4.25
CA ALA B 303 37.47 0.19 -2.94
C ALA B 303 37.47 -1.34 -2.91
N ASN B 304 36.76 -1.95 -3.86
CA ASN B 304 36.68 -3.41 -3.93
C ASN B 304 38.06 -4.06 -3.87
N LEU B 305 39.04 -3.42 -4.49
CA LEU B 305 40.41 -3.93 -4.49
C LEU B 305 41.02 -3.68 -3.11
N ALA B 306 40.93 -2.45 -2.64
CA ALA B 306 41.46 -2.07 -1.34
C ALA B 306 40.92 -2.99 -0.24
N VAL B 307 39.74 -3.57 -0.48
CA VAL B 307 39.12 -4.47 0.49
C VAL B 307 39.77 -5.84 0.39
N GLN B 308 40.62 -6.01 -0.62
CA GLN B 308 41.33 -7.25 -0.86
C GLN B 308 42.80 -7.08 -0.52
N ASN B 309 43.34 -5.92 -0.91
CA ASN B 309 44.74 -5.60 -0.67
C ASN B 309 44.95 -5.16 0.78
N ALA B 310 43.94 -5.37 1.61
CA ALA B 310 44.01 -5.01 3.01
C ALA B 310 44.23 -6.24 3.89
N ASP B 311 45.08 -6.09 4.90
CA ASP B 311 45.39 -7.17 5.82
C ASP B 311 44.33 -7.30 6.91
N LEU B 312 43.67 -6.19 7.22
CA LEU B 312 42.64 -6.18 8.25
C LEU B 312 41.46 -5.30 7.86
N ILE B 313 40.27 -5.89 7.82
CA ILE B 313 39.06 -5.16 7.49
C ILE B 313 38.35 -4.79 8.79
N ILE B 314 38.21 -3.49 9.02
CA ILE B 314 37.56 -3.00 10.23
C ILE B 314 36.11 -2.61 9.94
N ALA B 315 35.21 -3.58 10.04
CA ALA B 315 33.79 -3.35 9.79
C ALA B 315 33.14 -2.50 10.89
N VAL B 316 32.66 -1.32 10.51
CA VAL B 316 32.02 -0.41 11.45
C VAL B 316 30.59 -0.05 11.07
N GLY B 317 29.63 -0.66 11.75
CA GLY B 317 28.23 -0.40 11.48
C GLY B 317 27.75 -0.82 10.10
N ALA B 318 28.21 -1.97 9.63
CA ALA B 318 27.82 -2.50 8.33
C ALA B 318 27.39 -3.94 8.50
N ARG B 319 26.72 -4.51 7.50
CA ARG B 319 26.26 -5.89 7.61
C ARG B 319 26.64 -6.78 6.44
N PHE B 320 27.76 -6.48 5.79
CA PHE B 320 28.25 -7.26 4.65
C PHE B 320 27.10 -7.79 3.79
N ASP B 321 26.49 -6.92 3.01
CA ASP B 321 25.40 -7.34 2.13
C ASP B 321 26.03 -8.13 0.98
N ASP B 322 25.31 -9.12 0.48
CA ASP B 322 25.82 -9.92 -0.63
C ASP B 322 26.04 -9.02 -1.84
N ARG B 323 25.42 -7.85 -1.81
CA ARG B 323 25.54 -6.88 -2.90
C ARG B 323 26.87 -6.14 -2.72
N VAL B 324 27.48 -6.33 -1.55
CA VAL B 324 28.77 -5.71 -1.24
C VAL B 324 29.87 -6.76 -1.38
N THR B 325 29.48 -8.02 -1.37
CA THR B 325 30.41 -9.13 -1.51
C THR B 325 29.72 -10.33 -2.15
N GLY B 326 29.68 -10.34 -3.48
CA GLY B 326 29.05 -11.46 -4.18
C GLY B 326 29.82 -12.74 -3.95
N ASN B 327 31.14 -12.67 -4.19
CA ASN B 327 32.01 -13.82 -3.99
C ASN B 327 32.38 -13.91 -2.51
N ILE B 328 31.37 -14.19 -1.69
CA ILE B 328 31.58 -14.31 -0.24
C ILE B 328 32.85 -15.09 0.03
N SER B 329 33.07 -16.13 -0.76
CA SER B 329 34.24 -16.97 -0.61
C SER B 329 35.54 -16.27 -0.99
N LYS B 330 35.48 -15.42 -2.01
CA LYS B 330 36.66 -14.70 -2.48
C LYS B 330 36.80 -13.33 -1.82
N PHE B 331 36.07 -13.11 -0.73
CA PHE B 331 36.12 -11.82 -0.03
C PHE B 331 37.27 -11.72 0.97
N ALA B 332 37.98 -10.62 0.90
CA ALA B 332 39.10 -10.32 1.79
C ALA B 332 40.20 -11.38 1.82
N PRO B 333 41.18 -11.28 0.92
CA PRO B 333 42.29 -12.24 0.86
C PRO B 333 43.38 -11.91 1.88
N GLU B 334 44.02 -10.76 1.70
CA GLU B 334 45.09 -10.32 2.59
C GLU B 334 44.60 -10.19 4.02
N ALA B 335 43.30 -10.00 4.18
CA ALA B 335 42.71 -9.87 5.51
C ALA B 335 42.36 -11.24 6.07
N ARG B 336 42.39 -12.24 5.19
CA ARG B 336 42.09 -13.61 5.58
C ARG B 336 43.39 -14.37 5.84
N ARG B 337 44.05 -14.03 6.94
CA ARG B 337 45.31 -14.67 7.32
C ARG B 337 45.82 -14.14 8.67
N ALA B 338 46.52 -13.01 8.63
CA ALA B 338 47.05 -12.39 9.85
C ALA B 338 45.94 -11.70 10.63
N ALA B 339 44.76 -12.31 10.62
CA ALA B 339 43.60 -11.78 11.32
C ALA B 339 43.36 -10.32 10.99
N ILE B 346 39.68 -9.01 10.47
CA ILE B 346 38.29 -8.65 10.18
C ILE B 346 37.54 -8.25 11.46
N ILE B 347 37.85 -7.08 11.99
CA ILE B 347 37.19 -6.58 13.19
C ILE B 347 35.76 -6.19 12.84
N HIS B 348 34.83 -6.37 13.77
CA HIS B 348 33.44 -6.05 13.51
C HIS B 348 32.79 -5.30 14.67
N PHE B 349 32.47 -4.02 14.45
CA PHE B 349 31.81 -3.22 15.48
C PHE B 349 30.30 -3.26 15.21
N GLU B 350 29.67 -4.32 15.69
CA GLU B 350 28.23 -4.53 15.50
C GLU B 350 27.41 -4.24 16.76
N VAL B 351 26.13 -3.95 16.58
CA VAL B 351 25.24 -3.68 17.71
C VAL B 351 24.33 -4.87 18.00
N SER B 352 23.96 -5.60 16.95
CA SER B 352 23.07 -6.75 17.10
C SER B 352 23.83 -8.07 16.98
N PRO B 353 24.06 -8.76 18.11
CA PRO B 353 24.77 -10.04 18.11
C PRO B 353 24.18 -11.01 17.08
N LYS B 354 22.90 -10.84 16.79
CA LYS B 354 22.23 -11.70 15.82
C LYS B 354 22.81 -11.52 14.42
N ASN B 355 23.61 -10.48 14.24
CA ASN B 355 24.22 -10.22 12.93
C ASN B 355 25.70 -10.56 12.87
N ILE B 356 26.31 -10.79 14.02
CA ILE B 356 27.73 -11.12 14.07
C ILE B 356 27.94 -12.58 13.69
N ASN B 357 28.81 -12.81 12.71
CA ASN B 357 29.07 -14.17 12.23
C ASN B 357 27.77 -14.86 11.83
N LYS B 358 26.98 -14.17 11.02
CA LYS B 358 25.71 -14.69 10.53
C LYS B 358 25.73 -14.67 9.01
N VAL B 359 26.71 -13.97 8.45
CA VAL B 359 26.87 -13.86 7.00
C VAL B 359 28.33 -14.11 6.65
N VAL B 360 29.21 -13.29 7.22
CA VAL B 360 30.65 -13.42 6.99
C VAL B 360 31.27 -13.95 8.27
N GLN B 361 32.55 -14.28 8.22
CA GLN B 361 33.25 -14.79 9.40
C GLN B 361 34.23 -13.78 9.96
N THR B 362 34.00 -13.34 11.20
CA THR B 362 34.86 -12.36 11.84
C THR B 362 35.91 -12.96 12.77
N GLN B 363 36.92 -12.16 13.09
CA GLN B 363 38.00 -12.57 13.97
C GLN B 363 37.73 -12.03 15.37
N ILE B 364 37.36 -10.75 15.44
CA ILE B 364 37.06 -10.09 16.69
C ILE B 364 35.68 -9.43 16.61
N ALA B 365 34.96 -9.42 17.72
CA ALA B 365 33.63 -8.81 17.76
C ALA B 365 33.50 -7.83 18.93
N VAL B 366 33.29 -6.56 18.60
CA VAL B 366 33.13 -5.51 19.60
C VAL B 366 31.66 -5.13 19.72
N GLU B 367 30.87 -5.98 20.38
CA GLU B 367 29.44 -5.73 20.56
C GLU B 367 29.11 -4.38 21.17
N GLY B 368 27.93 -3.86 20.82
CA GLY B 368 27.50 -2.58 21.35
C GLY B 368 27.49 -1.48 20.30
N ASP B 369 27.20 -0.25 20.73
CA ASP B 369 27.16 0.89 19.83
C ASP B 369 28.54 1.18 19.26
N ALA B 370 28.62 1.25 17.94
CA ALA B 370 29.87 1.51 17.25
C ALA B 370 30.57 2.77 17.77
N THR B 371 29.92 3.92 17.61
CA THR B 371 30.49 5.19 18.05
C THR B 371 31.09 5.12 19.44
N THR B 372 30.29 4.70 20.41
CA THR B 372 30.72 4.60 21.80
C THR B 372 31.95 3.69 21.97
N ASN B 373 31.96 2.56 21.28
CA ASN B 373 33.08 1.63 21.37
C ASN B 373 34.32 2.16 20.68
N LEU B 374 34.17 3.17 19.82
CA LEU B 374 35.33 3.75 19.16
C LEU B 374 36.03 4.69 20.13
N GLY B 375 35.24 5.46 20.87
CA GLY B 375 35.83 6.36 21.85
C GLY B 375 36.58 5.55 22.88
N LYS B 376 35.97 4.43 23.28
CA LYS B 376 36.57 3.52 24.26
C LYS B 376 37.75 2.76 23.67
N MET B 377 38.31 3.30 22.59
CA MET B 377 39.45 2.65 21.95
C MET B 377 40.35 3.68 21.30
N MET B 378 40.01 4.95 21.47
CA MET B 378 40.81 6.02 20.86
C MET B 378 42.17 6.13 21.54
N SER B 379 42.19 5.96 22.86
CA SER B 379 43.44 6.04 23.63
C SER B 379 44.43 4.95 23.23
N LYS B 380 43.97 3.70 23.20
CA LYS B 380 44.82 2.56 22.85
C LYS B 380 45.25 2.56 21.39
N ILE B 381 45.18 3.71 20.73
CA ILE B 381 45.55 3.83 19.31
C ILE B 381 46.82 4.68 19.12
N PHE B 382 47.86 4.03 18.62
CA PHE B 382 49.17 4.67 18.39
C PHE B 382 49.21 5.51 17.11
N PRO B 383 49.35 6.84 17.25
CA PRO B 383 49.40 7.78 16.12
C PRO B 383 50.37 7.37 15.01
N VAL B 384 50.29 8.08 13.88
CA VAL B 384 51.16 7.81 12.72
C VAL B 384 51.42 9.09 11.92
N ARG B 387 52.38 5.59 7.52
CA ARG B 387 51.98 4.77 6.39
C ARG B 387 52.18 5.54 5.08
N SER B 388 52.84 4.90 4.12
CA SER B 388 53.11 5.52 2.83
C SER B 388 52.99 4.55 1.64
N GLU B 389 53.34 3.27 1.88
CA GLU B 389 53.25 2.27 0.82
C GLU B 389 51.81 1.85 0.59
N TRP B 390 50.95 2.16 1.56
CA TRP B 390 49.53 1.83 1.48
C TRP B 390 48.87 2.74 0.46
N PHE B 391 49.08 4.05 0.62
CA PHE B 391 48.51 5.05 -0.28
C PHE B 391 49.01 4.87 -1.71
N ALA B 392 50.32 4.84 -1.87
CA ALA B 392 50.93 4.67 -3.19
C ALA B 392 50.28 3.51 -3.95
N GLN B 393 50.10 2.39 -3.26
CA GLN B 393 49.48 1.22 -3.86
C GLN B 393 48.06 1.51 -4.34
N ILE B 394 47.31 2.27 -3.54
CA ILE B 394 45.95 2.61 -3.88
C ILE B 394 45.89 3.72 -4.93
N ASN B 395 46.49 4.87 -4.60
CA ASN B 395 46.52 6.01 -5.52
C ASN B 395 46.74 5.57 -6.95
N LYS B 396 47.59 4.57 -7.14
CA LYS B 396 47.88 4.05 -8.47
C LYS B 396 46.63 3.34 -8.97
N TRP B 397 46.13 2.39 -8.17
CA TRP B 397 44.93 1.64 -8.51
C TRP B 397 43.77 2.58 -8.80
N LYS B 398 43.67 3.65 -8.02
CA LYS B 398 42.60 4.63 -8.18
C LYS B 398 42.84 5.52 -9.39
N LYS B 399 44.04 6.09 -9.50
CA LYS B 399 44.39 6.96 -10.60
C LYS B 399 44.16 6.28 -11.95
N GLU B 400 43.98 4.96 -11.92
CA GLU B 400 43.75 4.18 -13.14
C GLU B 400 42.26 4.10 -13.51
N TYR B 401 41.39 4.40 -12.54
CA TYR B 401 39.95 4.35 -12.79
C TYR B 401 39.27 5.64 -12.36
N GLU B 407 32.29 10.96 -21.27
CA GLU B 407 31.39 12.10 -21.13
C GLU B 407 30.49 12.24 -22.37
N GLU B 408 29.79 13.37 -22.46
CA GLU B 408 28.90 13.61 -23.58
C GLU B 408 29.43 14.61 -24.59
N THR B 409 29.10 14.39 -25.86
CA THR B 409 29.55 15.26 -26.95
C THR B 409 28.46 16.28 -27.26
N PRO B 410 28.85 17.56 -27.43
CA PRO B 410 27.87 18.60 -27.74
C PRO B 410 27.05 18.28 -28.98
N GLY B 411 25.75 18.11 -28.80
CA GLY B 411 24.87 17.79 -29.91
C GLY B 411 24.12 16.49 -29.70
N SER B 412 24.69 15.61 -28.88
CA SER B 412 24.08 14.31 -28.59
C SER B 412 23.16 14.39 -27.37
N LYS B 413 22.68 13.23 -26.93
CA LYS B 413 21.79 13.15 -25.77
C LYS B 413 22.52 13.52 -24.47
N ILE B 414 21.75 13.97 -23.48
CA ILE B 414 22.27 14.36 -22.18
C ILE B 414 22.51 13.11 -21.33
N LYS B 415 23.67 13.02 -20.68
CA LYS B 415 23.97 11.87 -19.82
C LYS B 415 23.56 12.14 -18.37
N PRO B 416 22.90 11.15 -17.73
CA PRO B 416 22.47 11.30 -16.34
C PRO B 416 23.61 11.74 -15.43
N GLN B 417 24.73 11.04 -15.53
CA GLN B 417 25.90 11.34 -14.72
C GLN B 417 26.28 12.81 -14.79
N THR B 418 26.22 13.38 -15.98
CA THR B 418 26.56 14.79 -16.16
C THR B 418 25.56 15.67 -15.41
N VAL B 419 24.29 15.31 -15.46
CA VAL B 419 23.28 16.09 -14.77
C VAL B 419 23.59 16.11 -13.27
N ILE B 420 23.85 14.93 -12.73
CA ILE B 420 24.14 14.80 -11.31
C ILE B 420 25.41 15.54 -10.88
N LYS B 421 26.47 15.42 -11.66
CA LYS B 421 27.72 16.09 -11.33
C LYS B 421 27.52 17.60 -11.40
N LYS B 422 26.87 18.08 -12.45
CA LYS B 422 26.63 19.52 -12.58
C LYS B 422 25.73 20.03 -11.47
N LEU B 423 24.75 19.22 -11.06
CA LEU B 423 23.83 19.63 -10.00
C LEU B 423 24.54 19.67 -8.66
N SER B 424 25.43 18.72 -8.44
CA SER B 424 26.21 18.64 -7.21
C SER B 424 27.01 19.93 -7.05
N LYS B 425 27.63 20.36 -8.14
CA LYS B 425 28.44 21.57 -8.15
C LYS B 425 27.55 22.79 -7.85
N VAL B 426 26.45 22.91 -8.59
CA VAL B 426 25.52 24.03 -8.40
C VAL B 426 25.00 24.08 -6.97
N ALA B 427 24.61 22.92 -6.44
CA ALA B 427 24.10 22.84 -5.08
C ALA B 427 25.18 23.33 -4.12
N ASN B 428 26.38 22.80 -4.29
CA ASN B 428 27.52 23.17 -3.44
C ASN B 428 27.82 24.68 -3.44
N ASP B 429 27.67 25.32 -4.59
CA ASP B 429 27.94 26.75 -4.69
C ASP B 429 27.02 27.63 -3.87
N THR B 430 25.89 27.09 -3.43
CA THR B 430 24.96 27.87 -2.62
C THR B 430 25.45 27.94 -1.18
N GLY B 431 26.37 27.05 -0.82
CA GLY B 431 26.88 27.02 0.54
C GLY B 431 25.91 26.44 1.55
N ARG B 432 24.66 26.20 1.13
CA ARG B 432 23.64 25.67 2.04
C ARG B 432 23.88 24.20 2.38
N HIS B 433 23.20 23.74 3.43
CA HIS B 433 23.29 22.34 3.83
C HIS B 433 22.38 21.63 2.83
N VAL B 434 22.90 20.61 2.18
CA VAL B 434 22.13 19.90 1.17
C VAL B 434 21.80 18.46 1.53
N ILE B 435 20.53 18.10 1.35
CA ILE B 435 20.06 16.75 1.63
C ILE B 435 19.53 16.21 0.30
N VAL B 436 19.86 14.97 0.01
CA VAL B 436 19.43 14.32 -1.22
C VAL B 436 18.66 13.04 -0.94
N THR B 437 17.50 12.88 -1.60
CA THR B 437 16.70 11.67 -1.49
C THR B 437 16.64 11.18 -2.93
N THR B 438 16.23 9.95 -3.15
CA THR B 438 16.15 9.42 -4.51
C THR B 438 15.04 8.42 -4.60
N GLY B 439 14.76 7.96 -5.82
CA GLY B 439 13.76 6.95 -6.04
C GLY B 439 14.57 5.65 -6.10
N VAL B 440 14.10 4.69 -6.89
CA VAL B 440 14.81 3.42 -7.03
C VAL B 440 15.02 3.08 -8.50
N GLY B 441 16.24 2.68 -8.84
CA GLY B 441 16.56 2.36 -10.22
C GLY B 441 17.97 2.79 -10.56
N GLN B 442 18.24 3.00 -11.85
CA GLN B 442 19.58 3.40 -12.27
C GLN B 442 19.99 4.75 -11.70
N HIS B 443 19.06 5.71 -11.66
CA HIS B 443 19.35 7.03 -11.13
C HIS B 443 19.80 6.98 -9.67
N GLN B 444 19.35 5.95 -8.96
CA GLN B 444 19.72 5.80 -7.55
C GLN B 444 21.23 5.54 -7.42
N MET B 445 21.75 4.61 -8.22
CA MET B 445 23.18 4.31 -8.17
C MET B 445 24.00 5.49 -8.70
N TRP B 446 23.52 6.14 -9.74
CA TRP B 446 24.23 7.27 -10.31
C TRP B 446 24.33 8.39 -9.29
N ALA B 447 23.27 8.57 -8.52
CA ALA B 447 23.27 9.61 -7.51
C ALA B 447 24.32 9.26 -6.47
N ALA B 448 24.35 8.00 -6.06
CA ALA B 448 25.30 7.57 -5.05
C ALA B 448 26.74 7.76 -5.53
N GLN B 449 27.00 7.36 -6.77
CA GLN B 449 28.34 7.43 -7.35
C GLN B 449 28.89 8.82 -7.68
N HIS B 450 28.16 9.53 -8.53
CA HIS B 450 28.60 10.83 -9.01
C HIS B 450 28.36 12.08 -8.19
N TRP B 451 27.77 11.94 -7.01
CA TRP B 451 27.56 13.11 -6.16
C TRP B 451 28.72 13.09 -5.16
N THR B 452 29.13 14.25 -4.68
CA THR B 452 30.23 14.29 -3.72
C THR B 452 29.70 14.46 -2.31
N TRP B 453 29.75 13.37 -1.56
CA TRP B 453 29.23 13.35 -0.20
C TRP B 453 30.20 13.92 0.83
N ARG B 454 29.70 14.82 1.67
CA ARG B 454 30.54 15.46 2.68
C ARG B 454 29.96 15.49 4.09
N ASN B 455 28.65 15.67 4.20
CA ASN B 455 28.00 15.75 5.51
C ASN B 455 27.13 14.55 5.85
N PRO B 456 27.10 14.18 7.13
CA PRO B 456 26.30 13.04 7.58
C PRO B 456 24.80 13.34 7.52
N HIS B 457 23.99 12.32 7.32
CA HIS B 457 22.53 12.48 7.25
C HIS B 457 22.11 13.33 6.06
N THR B 458 22.75 13.15 4.91
CA THR B 458 22.40 13.92 3.73
C THR B 458 22.04 13.05 2.54
N PHE B 459 22.20 11.74 2.66
CA PHE B 459 21.82 10.83 1.59
C PHE B 459 20.73 9.94 2.17
N ILE B 460 19.52 10.15 1.68
CA ILE B 460 18.33 9.43 2.15
C ILE B 460 17.74 8.66 1.00
N THR B 461 18.10 7.39 0.89
CA THR B 461 17.62 6.53 -0.19
C THR B 461 17.19 5.15 0.35
N SER B 462 16.23 4.53 -0.33
CA SER B 462 15.74 3.22 0.10
C SER B 462 16.67 2.10 -0.39
N GLY B 463 17.49 1.58 0.51
CA GLY B 463 18.43 0.53 0.13
C GLY B 463 18.00 -0.90 0.43
N GLY B 464 17.55 -1.13 1.66
CA GLY B 464 17.13 -2.47 2.04
C GLY B 464 15.95 -3.06 1.28
N LEU B 465 14.89 -2.29 1.10
CA LEU B 465 13.71 -2.77 0.40
C LEU B 465 13.62 -2.21 -1.02
N GLY B 466 14.27 -1.08 -1.26
CA GLY B 466 14.23 -0.47 -2.58
C GLY B 466 12.82 -0.14 -3.03
N THR B 467 12.16 0.74 -2.27
CA THR B 467 10.79 1.13 -2.59
C THR B 467 10.67 2.29 -3.56
N MET B 468 10.18 2.00 -4.76
CA MET B 468 9.99 3.04 -5.76
C MET B 468 8.94 4.00 -5.19
N GLY B 469 9.11 5.29 -5.45
CA GLY B 469 8.15 6.28 -4.98
C GLY B 469 8.57 6.92 -3.67
N TYR B 470 9.69 6.45 -3.16
CA TYR B 470 10.27 6.92 -1.91
C TYR B 470 10.73 8.38 -1.95
N GLY B 471 11.37 8.75 -3.07
CA GLY B 471 11.90 10.09 -3.25
C GLY B 471 11.13 11.32 -2.79
N LEU B 472 9.99 11.55 -3.41
CA LEU B 472 9.18 12.72 -3.09
C LEU B 472 8.76 12.83 -1.62
N PRO B 473 8.02 11.83 -1.11
CA PRO B 473 7.61 11.91 0.29
C PRO B 473 8.77 11.98 1.29
N ALA B 474 9.83 11.22 1.03
CA ALA B 474 10.97 11.23 1.94
C ALA B 474 11.60 12.62 1.95
N ALA B 475 11.61 13.26 0.78
CA ALA B 475 12.16 14.59 0.65
C ALA B 475 11.30 15.59 1.44
N ILE B 476 9.99 15.41 1.39
CA ILE B 476 9.08 16.30 2.11
C ILE B 476 9.34 16.19 3.61
N GLY B 477 9.47 14.96 4.09
CA GLY B 477 9.74 14.73 5.50
C GLY B 477 11.09 15.27 5.92
N ALA B 478 12.08 15.12 5.04
CA ALA B 478 13.42 15.61 5.34
C ALA B 478 13.39 17.13 5.45
N GLN B 479 12.66 17.76 4.55
CA GLN B 479 12.54 19.21 4.52
C GLN B 479 11.88 19.70 5.82
N VAL B 480 10.85 18.99 6.28
CA VAL B 480 10.19 19.38 7.53
C VAL B 480 11.17 19.27 8.69
N ALA B 481 12.09 18.31 8.61
CA ALA B 481 13.08 18.11 9.67
C ALA B 481 14.19 19.16 9.64
N LYS B 482 14.58 19.59 8.44
CA LYS B 482 15.62 20.60 8.26
C LYS B 482 15.08 21.71 7.37
N PRO B 483 14.29 22.62 7.94
CA PRO B 483 13.69 23.73 7.21
C PRO B 483 14.66 24.60 6.41
N GLU B 484 15.88 24.75 6.91
CA GLU B 484 16.85 25.59 6.23
C GLU B 484 17.66 24.88 5.17
N SER B 485 17.56 23.56 5.13
CA SER B 485 18.33 22.78 4.15
C SER B 485 17.74 22.81 2.75
N LEU B 486 18.62 22.66 1.78
CA LEU B 486 18.22 22.59 0.39
C LEU B 486 18.02 21.08 0.20
N VAL B 487 16.79 20.68 -0.07
CA VAL B 487 16.45 19.27 -0.23
C VAL B 487 16.16 18.93 -1.68
N ILE B 488 16.97 18.04 -2.24
CA ILE B 488 16.80 17.64 -3.62
C ILE B 488 16.42 16.16 -3.71
N ASP B 489 15.43 15.88 -4.55
CA ASP B 489 15.01 14.50 -4.78
C ASP B 489 15.45 14.15 -6.19
N ILE B 490 16.48 13.31 -6.31
CA ILE B 490 16.95 12.86 -7.61
C ILE B 490 16.11 11.61 -7.88
N ASP B 491 15.07 11.78 -8.69
CA ASP B 491 14.10 10.73 -8.99
C ASP B 491 14.12 10.19 -10.42
N GLY B 492 13.49 9.03 -10.59
CA GLY B 492 13.36 8.40 -11.89
C GLY B 492 11.91 8.61 -12.32
N ASP B 493 11.64 8.55 -13.63
CA ASP B 493 10.28 8.77 -14.08
C ASP B 493 9.29 7.71 -13.59
N ALA B 494 9.66 6.43 -13.67
CA ALA B 494 8.75 5.39 -13.21
C ALA B 494 8.54 5.47 -11.69
N SER B 495 9.63 5.68 -10.94
CA SER B 495 9.53 5.79 -9.48
C SER B 495 8.64 6.96 -9.08
N PHE B 496 8.86 8.10 -9.73
CA PHE B 496 8.10 9.29 -9.43
C PHE B 496 6.58 9.07 -9.62
N ASN B 497 6.18 8.29 -10.61
CA ASN B 497 4.76 8.06 -10.83
C ASN B 497 4.07 7.37 -9.69
N MET B 498 4.80 6.51 -8.97
CA MET B 498 4.23 5.77 -7.85
C MET B 498 3.55 6.68 -6.82
N THR B 499 4.18 7.80 -6.49
CA THR B 499 3.64 8.68 -5.45
C THR B 499 3.53 10.17 -5.79
N LEU B 500 3.45 10.50 -7.07
CA LEU B 500 3.39 11.91 -7.46
C LEU B 500 2.22 12.72 -6.90
N THR B 501 1.22 12.07 -6.33
CA THR B 501 0.10 12.79 -5.76
C THR B 501 0.54 13.61 -4.56
N GLU B 502 1.66 13.24 -3.95
CA GLU B 502 2.16 13.97 -2.79
C GLU B 502 2.70 15.35 -3.16
N LEU B 503 2.73 15.64 -4.45
CA LEU B 503 3.20 16.93 -4.94
C LEU B 503 2.38 18.05 -4.27
N SER B 504 1.07 17.89 -4.23
CA SER B 504 0.21 18.89 -3.61
C SER B 504 0.47 18.94 -2.10
N SER B 505 0.91 17.82 -1.54
CA SER B 505 1.20 17.78 -0.11
C SER B 505 2.38 18.70 0.19
N ALA B 506 3.34 18.73 -0.72
CA ALA B 506 4.52 19.56 -0.57
C ALA B 506 4.09 21.02 -0.51
N VAL B 507 3.22 21.40 -1.43
CA VAL B 507 2.73 22.77 -1.47
C VAL B 507 2.00 23.10 -0.17
N GLN B 508 1.08 22.24 0.23
CA GLN B 508 0.33 22.46 1.45
C GLN B 508 1.19 22.56 2.71
N ALA B 509 2.26 21.77 2.76
CA ALA B 509 3.15 21.77 3.93
C ALA B 509 4.21 22.86 3.84
N GLY B 510 4.24 23.56 2.71
CA GLY B 510 5.22 24.62 2.52
C GLY B 510 6.65 24.14 2.42
N THR B 511 6.87 22.89 2.03
CA THR B 511 8.24 22.37 1.90
C THR B 511 8.75 22.63 0.49
N PRO B 512 9.72 23.54 0.34
CA PRO B 512 10.32 23.92 -0.95
C PRO B 512 11.28 22.90 -1.54
N VAL B 513 10.85 21.66 -1.62
CA VAL B 513 11.67 20.59 -2.18
C VAL B 513 11.95 20.77 -3.67
N LYS B 514 13.15 20.41 -4.11
CA LYS B 514 13.52 20.50 -5.52
C LYS B 514 13.44 19.09 -6.08
N ILE B 515 12.43 18.84 -6.91
CA ILE B 515 12.22 17.53 -7.50
C ILE B 515 12.86 17.42 -8.88
N LEU B 516 13.89 16.59 -8.99
CA LEU B 516 14.57 16.37 -10.26
C LEU B 516 14.15 15.03 -10.86
N ILE B 517 13.57 15.07 -12.05
CA ILE B 517 13.16 13.83 -12.70
C ILE B 517 14.03 13.53 -13.91
N LEU B 518 14.86 12.49 -13.80
CA LEU B 518 15.72 12.08 -14.90
C LEU B 518 14.84 11.16 -15.73
N ASN B 519 14.15 11.72 -16.70
CA ASN B 519 13.28 10.91 -17.53
C ASN B 519 14.00 10.23 -18.68
N ASN B 520 14.09 8.91 -18.62
CA ASN B 520 14.73 8.11 -19.66
C ASN B 520 13.70 7.13 -20.17
N GLU B 521 12.44 7.57 -20.19
CA GLU B 521 11.29 6.76 -20.60
C GLU B 521 11.45 5.97 -21.90
N GLU B 522 12.41 6.36 -22.73
CA GLU B 522 12.62 5.66 -24.00
C GLU B 522 13.09 4.21 -23.82
N GLN B 523 13.95 3.97 -22.83
CA GLN B 523 14.44 2.62 -22.56
C GLN B 523 13.45 1.94 -21.60
N GLY B 524 13.06 0.71 -21.90
CA GLY B 524 12.11 0.00 -21.05
C GLY B 524 12.66 -0.35 -19.67
N MET B 525 11.76 -0.51 -18.71
CA MET B 525 12.17 -0.84 -17.35
C MET B 525 12.33 -2.35 -17.13
N VAL B 526 12.42 -3.11 -18.22
CA VAL B 526 12.60 -4.55 -18.16
C VAL B 526 13.55 -5.04 -19.26
N THR B 527 14.70 -5.57 -18.86
CA THR B 527 15.69 -6.06 -19.81
C THR B 527 15.38 -7.48 -20.29
N GLN B 528 15.45 -7.66 -21.61
CA GLN B 528 15.21 -8.96 -22.22
C GLN B 528 16.57 -9.59 -22.43
N TRP B 529 17.48 -8.83 -23.04
CA TRP B 529 18.85 -9.26 -23.29
C TRP B 529 19.76 -8.05 -23.45
N GLN B 530 21.08 -8.28 -23.36
CA GLN B 530 22.05 -7.19 -23.49
C GLN B 530 23.31 -7.65 -24.21
N SER B 531 24.29 -6.75 -24.33
CA SER B 531 25.55 -7.05 -24.99
C SER B 531 26.63 -7.26 -23.95
N LEU B 532 27.51 -8.23 -24.18
CA LEU B 532 28.60 -8.51 -23.26
C LEU B 532 29.56 -7.32 -23.21
N PHE B 533 30.18 -7.03 -24.36
CA PHE B 533 31.13 -5.92 -24.46
C PHE B 533 30.42 -4.62 -24.87
N GLU B 535 28.09 -2.86 -24.57
CA GLU B 535 27.14 -3.26 -23.54
C GLU B 535 25.80 -2.57 -23.75
N HIS B 536 25.18 -2.80 -24.91
CA HIS B 536 23.89 -2.20 -25.25
C HIS B 536 22.77 -2.96 -24.52
N ARG B 537 21.66 -2.27 -24.22
CA ARG B 537 20.55 -2.90 -23.52
C ARG B 537 19.24 -2.82 -24.30
N TYR B 538 18.68 -3.99 -24.59
CA TYR B 538 17.41 -4.10 -25.32
C TYR B 538 16.33 -4.42 -24.30
N SER B 539 15.37 -3.52 -24.13
CA SER B 539 14.33 -3.73 -23.13
C SER B 539 12.90 -3.41 -23.55
N HIS B 540 11.95 -3.83 -22.72
CA HIS B 540 10.53 -3.58 -22.97
C HIS B 540 9.80 -3.05 -21.73
N THR B 541 8.49 -2.84 -21.87
CA THR B 541 7.63 -2.31 -20.81
C THR B 541 7.86 -0.82 -20.57
N HIS B 542 7.18 -0.02 -21.38
CA HIS B 542 7.28 1.42 -21.27
C HIS B 542 5.99 1.96 -20.70
N GLN B 543 6.09 2.73 -19.63
CA GLN B 543 4.90 3.32 -19.03
C GLN B 543 4.72 4.73 -19.60
N LEU B 544 3.47 5.05 -19.90
CA LEU B 544 3.10 6.35 -20.46
C LEU B 544 3.14 7.42 -19.38
N ASN B 545 4.16 8.27 -19.41
CA ASN B 545 4.29 9.34 -18.44
C ASN B 545 3.39 10.51 -18.77
N PRO B 546 2.98 11.27 -17.75
CA PRO B 546 2.14 12.44 -17.99
C PRO B 546 3.09 13.60 -18.27
N ASP B 547 2.54 14.76 -18.60
CA ASP B 547 3.33 15.96 -18.86
C ASP B 547 3.77 16.45 -17.47
N PHE B 548 4.98 16.10 -17.07
CA PHE B 548 5.49 16.47 -15.76
C PHE B 548 5.42 17.95 -15.43
N ILE B 549 5.67 18.80 -16.42
CA ILE B 549 5.63 20.23 -16.19
C ILE B 549 4.21 20.70 -15.95
N LYS B 550 3.28 20.24 -16.79
CA LYS B 550 1.89 20.63 -16.61
C LYS B 550 1.34 20.02 -15.31
N LEU B 551 1.86 18.86 -14.92
CA LEU B 551 1.44 18.21 -13.69
C LEU B 551 1.83 19.10 -12.51
N ALA B 552 3.09 19.50 -12.49
CA ALA B 552 3.60 20.36 -11.43
C ALA B 552 2.75 21.60 -11.29
N GLU B 553 2.50 22.28 -12.42
CA GLU B 553 1.70 23.48 -12.39
C GLU B 553 0.30 23.18 -11.86
N ALA B 554 -0.26 22.05 -12.26
CA ALA B 554 -1.59 21.66 -11.80
C ALA B 554 -1.59 21.43 -10.29
N MET B 555 -0.47 20.94 -9.76
CA MET B 555 -0.34 20.66 -8.35
C MET B 555 -0.04 21.92 -7.53
N GLY B 556 0.44 22.96 -8.22
CA GLY B 556 0.76 24.21 -7.53
C GLY B 556 2.23 24.56 -7.42
N LEU B 557 3.09 23.89 -8.19
CA LEU B 557 4.51 24.17 -8.16
C LEU B 557 4.98 24.74 -9.48
N LYS B 558 6.25 25.13 -9.51
CA LYS B 558 6.87 25.64 -10.71
C LYS B 558 7.43 24.42 -11.44
N GLY B 559 7.27 24.40 -12.77
CA GLY B 559 7.77 23.29 -13.56
C GLY B 559 8.80 23.75 -14.56
N LEU B 560 9.86 22.97 -14.74
CA LEU B 560 10.93 23.29 -15.67
C LEU B 560 11.32 22.04 -16.43
N ARG B 561 11.70 22.21 -17.69
CA ARG B 561 12.11 21.08 -18.52
C ARG B 561 13.40 21.39 -19.30
N VAL B 562 14.18 20.34 -19.54
CA VAL B 562 15.43 20.45 -20.27
C VAL B 562 15.44 19.37 -21.35
N LYS B 563 15.64 19.79 -22.60
CA LYS B 563 15.68 18.84 -23.70
C LYS B 563 17.04 18.77 -24.37
N LYS B 564 17.78 19.87 -24.33
CA LYS B 564 19.09 19.93 -24.96
C LYS B 564 20.23 20.35 -24.02
N GLN B 565 21.41 19.77 -24.24
CA GLN B 565 22.60 20.06 -23.43
C GLN B 565 22.83 21.56 -23.28
N GLU B 566 22.52 22.32 -24.33
CA GLU B 566 22.74 23.76 -24.32
C GLU B 566 21.82 24.56 -23.40
N GLU B 567 20.97 23.88 -22.65
CA GLU B 567 20.07 24.59 -21.74
C GLU B 567 20.11 24.01 -20.34
N LEU B 568 20.92 22.97 -20.16
CA LEU B 568 21.04 22.31 -18.88
C LEU B 568 21.56 23.20 -17.75
N ASP B 569 22.73 23.81 -17.95
CA ASP B 569 23.33 24.66 -16.93
C ASP B 569 22.40 25.76 -16.41
N ALA B 570 21.72 26.47 -17.30
CA ALA B 570 20.84 27.54 -16.85
C ALA B 570 19.64 27.01 -16.06
N LYS B 571 19.05 25.92 -16.53
CA LYS B 571 17.91 25.32 -15.83
C LYS B 571 18.31 24.76 -14.47
N LEU B 572 19.50 24.18 -14.37
CA LEU B 572 19.94 23.63 -13.10
C LEU B 572 20.04 24.77 -12.08
N LYS B 573 20.61 25.90 -12.51
CA LYS B 573 20.76 27.05 -11.62
C LYS B 573 19.41 27.62 -11.22
N GLU B 574 18.49 27.73 -12.16
CA GLU B 574 17.16 28.27 -11.84
C GLU B 574 16.44 27.31 -10.89
N PHE B 575 16.57 26.03 -11.18
CA PHE B 575 15.97 24.96 -10.40
C PHE B 575 16.34 25.11 -8.92
N VAL B 576 17.65 25.14 -8.65
CA VAL B 576 18.16 25.27 -7.29
C VAL B 576 17.89 26.64 -6.67
N SER B 577 17.75 27.67 -7.50
CA SER B 577 17.53 29.03 -7.03
C SER B 577 16.08 29.39 -6.76
N THR B 578 15.17 28.65 -7.38
CA THR B 578 13.76 28.93 -7.20
C THR B 578 13.33 28.86 -5.74
N LYS B 579 12.54 29.84 -5.32
CA LYS B 579 12.03 29.84 -3.95
C LYS B 579 10.73 29.05 -4.06
N GLY B 580 10.52 28.11 -3.13
CA GLY B 580 9.31 27.31 -3.17
C GLY B 580 9.57 25.96 -3.82
N PRO B 581 8.58 25.05 -3.80
CA PRO B 581 8.79 23.75 -4.42
C PRO B 581 8.88 23.89 -5.92
N VAL B 582 9.73 23.10 -6.56
CA VAL B 582 9.89 23.17 -8.00
C VAL B 582 10.26 21.80 -8.58
N LEU B 583 9.77 21.52 -9.78
CA LEU B 583 10.06 20.26 -10.45
C LEU B 583 10.79 20.52 -11.75
N LEU B 584 11.91 19.82 -11.95
CA LEU B 584 12.67 19.97 -13.17
C LEU B 584 12.82 18.60 -13.83
N GLU B 585 12.30 18.46 -15.03
CA GLU B 585 12.42 17.21 -15.78
C GLU B 585 13.57 17.40 -16.78
N VAL B 586 14.48 16.43 -16.84
CA VAL B 586 15.59 16.48 -17.77
C VAL B 586 15.47 15.28 -18.68
N GLU B 587 15.15 15.48 -19.95
CA GLU B 587 15.07 14.36 -20.88
C GLU B 587 16.48 13.83 -21.01
N VAL B 588 16.65 12.58 -20.63
CA VAL B 588 17.95 11.95 -20.63
C VAL B 588 18.07 10.78 -21.60
N ASP B 589 19.32 10.45 -21.95
CA ASP B 589 19.64 9.36 -22.87
C ASP B 589 19.19 8.00 -22.31
N LYS B 590 18.44 7.27 -23.13
CA LYS B 590 17.91 5.96 -22.75
C LYS B 590 18.90 4.84 -23.10
N LYS B 591 20.09 5.21 -23.53
CA LYS B 591 21.12 4.24 -23.89
C LYS B 591 22.36 4.45 -23.02
N VAL B 592 22.14 4.74 -21.74
CA VAL B 592 23.23 4.98 -20.80
C VAL B 592 23.37 3.83 -19.80
#